data_4E38
#
_entry.id   4E38
#
_cell.length_a   75.503
_cell.length_b   80.960
_cell.length_c   123.600
_cell.angle_alpha   90.00
_cell.angle_beta   90.00
_cell.angle_gamma   90.00
#
_symmetry.space_group_name_H-M   'P 21 21 21'
#
loop_
_entity.id
_entity.type
_entity.pdbx_description
1 polymer 'Keto-hydroxyglutarate-aldolase/keto-deoxy-phosphogluconate aldolase'
2 non-polymer 'CHLORIDE ION'
3 water water
#
_entity_poly.entity_id   1
_entity_poly.type   'polypeptide(L)'
_entity_poly.pdbx_seq_one_letter_code
;MHHHHHHSSGVDLGTENLYFQSMMSTINNQLKALKVIPVIAIDNAEDIIPLGKVLAENGLPAAEITFRSDAAVEAIRLLR
QAQPEMLIGAGTILNGEQALAAKEAGATFVVSPGFNPNTVRACQEIGIDIVPGVNNPSTVEAALEMGLTTLKFFPAEASG
GISMVKSLVGPYGDIRLMPTGGITPSNIDNYLAIPQVLACGGTWMVDKKLVTNGEWDEIARLTREIVEQVNP
;
_entity_poly.pdbx_strand_id   A,B,C
#
loop_
_chem_comp.id
_chem_comp.type
_chem_comp.name
_chem_comp.formula
CL non-polymer 'CHLORIDE ION' 'Cl -1'
#
# COMPACT_ATOMS: atom_id res chain seq x y z
N PHE A 20 -8.20 -29.70 -13.28
CA PHE A 20 -7.80 -29.45 -11.87
C PHE A 20 -8.94 -28.90 -11.02
N GLN A 21 -9.37 -29.68 -10.03
CA GLN A 21 -10.36 -29.20 -9.07
C GLN A 21 -9.68 -28.60 -7.84
N SER A 22 -10.06 -27.37 -7.52
CA SER A 22 -9.46 -26.66 -6.40
C SER A 22 -9.73 -27.35 -5.08
N MET A 23 -8.72 -27.36 -4.21
CA MET A 23 -8.89 -27.89 -2.87
C MET A 23 -9.10 -26.78 -1.85
N MET A 24 -9.54 -25.59 -2.28
CA MET A 24 -9.64 -24.48 -1.32
C MET A 24 -10.60 -24.80 -0.18
N SER A 25 -11.68 -25.52 -0.49
CA SER A 25 -12.64 -25.88 0.56
C SER A 25 -11.94 -26.61 1.69
N THR A 26 -11.12 -27.59 1.30
CA THR A 26 -10.42 -28.41 2.29
C THR A 26 -9.38 -27.57 2.99
N ILE A 27 -8.69 -26.75 2.20
CA ILE A 27 -7.65 -25.90 2.77
C ILE A 27 -8.23 -24.94 3.79
N ASN A 28 -9.31 -24.25 3.45
CA ASN A 28 -9.94 -23.33 4.38
C ASN A 28 -10.36 -24.03 5.68
N ASN A 29 -10.91 -25.24 5.55
CA ASN A 29 -11.31 -26.00 6.73
C ASN A 29 -10.13 -26.35 7.62
N GLN A 30 -9.03 -26.74 7.00
CA GLN A 30 -7.84 -27.06 7.75
C GLN A 30 -7.28 -25.81 8.39
N LEU A 31 -7.21 -24.70 7.65
CA LEU A 31 -6.70 -23.47 8.28
C LEU A 31 -7.57 -23.08 9.47
N LYS A 32 -8.89 -23.16 9.29
CA LYS A 32 -9.84 -22.77 10.33
C LYS A 32 -9.65 -23.61 11.60
N ALA A 33 -9.32 -24.88 11.41
CA ALA A 33 -9.13 -25.80 12.54
C ALA A 33 -7.82 -25.50 13.26
N LEU A 34 -6.76 -25.22 12.49
CA LEU A 34 -5.42 -25.00 13.04
C LEU A 34 -5.27 -23.66 13.74
N LYS A 35 -5.81 -22.63 13.12
CA LYS A 35 -5.77 -21.25 13.60
C LYS A 35 -4.41 -20.55 13.57
N VAL A 36 -3.34 -21.32 13.65
CA VAL A 36 -1.97 -20.81 13.54
C VAL A 36 -1.16 -21.72 12.61
N ILE A 37 -0.41 -21.10 11.70
CA ILE A 37 0.35 -21.88 10.73
C ILE A 37 1.81 -21.52 10.89
N PRO A 38 2.66 -22.50 11.21
CA PRO A 38 4.09 -22.21 11.29
C PRO A 38 4.66 -21.76 9.95
N VAL A 39 5.36 -20.63 9.96
CA VAL A 39 6.01 -20.12 8.76
C VAL A 39 7.50 -20.36 8.93
N ILE A 40 8.06 -21.24 8.09
CA ILE A 40 9.35 -21.84 8.38
C ILE A 40 10.37 -21.44 7.33
N ALA A 41 11.43 -20.79 7.77
CA ALA A 41 12.56 -20.48 6.90
C ALA A 41 13.67 -21.40 7.35
N ILE A 42 14.00 -22.37 6.52
CA ILE A 42 14.88 -23.46 6.92
C ILE A 42 16.26 -23.36 6.24
N ASP A 43 17.32 -23.48 7.04
CA ASP A 43 18.69 -23.38 6.52
C ASP A 43 19.17 -24.71 5.97
N ASN A 44 18.88 -25.76 6.71
CA ASN A 44 19.29 -27.10 6.34
C ASN A 44 18.04 -27.93 6.09
N ALA A 45 17.85 -28.43 4.88
CA ALA A 45 16.61 -29.16 4.56
C ALA A 45 16.30 -30.30 5.53
N GLU A 46 17.33 -31.01 5.96
CA GLU A 46 17.14 -32.16 6.85
C GLU A 46 16.47 -31.78 8.19
N ASP A 47 16.66 -30.52 8.63
CA ASP A 47 16.05 -30.03 9.87
C ASP A 47 14.51 -30.13 9.81
N ILE A 48 13.94 -30.15 8.61
CA ILE A 48 12.47 -30.18 8.47
C ILE A 48 11.90 -31.50 9.03
N ILE A 49 12.68 -32.58 8.99
CA ILE A 49 12.16 -33.85 9.46
C ILE A 49 11.88 -33.84 10.98
N PRO A 50 12.91 -33.55 11.81
CA PRO A 50 12.62 -33.46 13.23
C PRO A 50 11.64 -32.32 13.56
N LEU A 51 11.74 -31.22 12.84
CA LEU A 51 10.85 -30.09 13.10
C LEU A 51 9.39 -30.48 12.83
N GLY A 52 9.14 -31.09 11.68
CA GLY A 52 7.80 -31.57 11.35
C GLY A 52 7.26 -32.55 12.38
N LYS A 53 8.13 -33.44 12.85
CA LYS A 53 7.71 -34.40 13.89
C LYS A 53 7.28 -33.69 15.18
N VAL A 54 8.11 -32.76 15.64
CA VAL A 54 7.84 -32.04 16.87
C VAL A 54 6.56 -31.20 16.72
N LEU A 55 6.40 -30.56 15.57
CA LEU A 55 5.18 -29.76 15.35
C LEU A 55 3.93 -30.63 15.40
N ALA A 56 3.94 -31.70 14.62
CA ALA A 56 2.79 -32.59 14.54
C ALA A 56 2.48 -33.25 15.88
N GLU A 57 3.51 -33.77 16.54
CA GLU A 57 3.26 -34.49 17.80
C GLU A 57 2.78 -33.56 18.92
N ASN A 58 2.91 -32.24 18.72
CA ASN A 58 2.46 -31.28 19.72
C ASN A 58 1.22 -30.50 19.29
N GLY A 59 0.61 -30.94 18.19
CA GLY A 59 -0.75 -30.51 17.84
C GLY A 59 -0.88 -29.55 16.67
N LEU A 60 0.22 -29.23 16.00
CA LEU A 60 0.18 -28.32 14.85
C LEU A 60 0.77 -28.97 13.63
N PRO A 61 0.01 -29.86 12.96
CA PRO A 61 0.48 -30.58 11.77
C PRO A 61 0.36 -29.74 10.50
N ALA A 62 1.17 -28.69 10.42
CA ALA A 62 1.10 -27.78 9.29
C ALA A 62 2.40 -27.00 9.20
N ALA A 63 2.74 -26.59 7.99
CA ALA A 63 3.96 -25.82 7.77
C ALA A 63 3.82 -25.07 6.45
N GLU A 64 4.21 -23.79 6.47
CA GLU A 64 4.35 -23.02 5.27
C GLU A 64 5.86 -22.82 5.15
N ILE A 65 6.47 -23.43 4.14
CA ILE A 65 7.93 -23.42 4.00
C ILE A 65 8.28 -22.39 2.93
N THR A 66 9.05 -21.37 3.31
CA THR A 66 9.32 -20.24 2.44
CA THR A 66 9.30 -20.26 2.41
C THR A 66 10.44 -20.51 1.42
N PHE A 67 10.20 -20.14 0.16
CA PHE A 67 11.17 -20.31 -0.92
C PHE A 67 12.27 -19.27 -0.83
N ARG A 68 12.12 -18.36 0.13
CA ARG A 68 13.20 -17.42 0.41
C ARG A 68 14.43 -18.21 0.81
N SER A 69 14.23 -19.40 1.38
CA SER A 69 15.34 -20.32 1.70
C SER A 69 15.68 -21.27 0.55
N ASP A 70 16.97 -21.43 0.25
CA ASP A 70 17.39 -22.33 -0.82
C ASP A 70 16.98 -23.78 -0.59
N ALA A 71 16.84 -24.15 0.69
CA ALA A 71 16.52 -25.52 1.09
C ALA A 71 15.05 -25.86 0.93
N ALA A 72 14.21 -24.89 0.55
CA ALA A 72 12.76 -25.07 0.64
C ALA A 72 12.22 -26.27 -0.15
N VAL A 73 12.60 -26.41 -1.42
CA VAL A 73 12.09 -27.50 -2.25
C VAL A 73 12.44 -28.87 -1.66
N GLU A 74 13.69 -29.06 -1.27
CA GLU A 74 14.07 -30.33 -0.66
CA GLU A 74 14.07 -30.32 -0.64
C GLU A 74 13.37 -30.54 0.69
N ALA A 75 13.20 -29.47 1.47
CA ALA A 75 12.47 -29.58 2.73
C ALA A 75 11.00 -29.99 2.52
N ILE A 76 10.34 -29.43 1.51
CA ILE A 76 8.97 -29.82 1.20
C ILE A 76 8.90 -31.30 0.85
N ARG A 77 9.83 -31.76 0.02
CA ARG A 77 9.87 -33.17 -0.40
C ARG A 77 10.10 -34.08 0.80
N LEU A 78 11.10 -33.76 1.63
CA LEU A 78 11.39 -34.56 2.81
C LEU A 78 10.19 -34.57 3.78
N LEU A 79 9.55 -33.42 4.00
CA LEU A 79 8.44 -33.37 4.96
C LEU A 79 7.22 -34.14 4.47
N ARG A 80 6.99 -34.11 3.17
CA ARG A 80 5.83 -34.77 2.58
C ARG A 80 5.99 -36.28 2.68
N GLN A 81 7.21 -36.74 2.45
CA GLN A 81 7.52 -38.15 2.64
C GLN A 81 7.38 -38.58 4.09
N ALA A 82 7.91 -37.78 5.01
CA ALA A 82 7.90 -38.10 6.43
C ALA A 82 6.53 -37.95 7.08
N GLN A 83 5.74 -37.00 6.59
CA GLN A 83 4.45 -36.69 7.19
C GLN A 83 3.42 -36.53 6.07
N PRO A 84 3.01 -37.65 5.46
CA PRO A 84 2.14 -37.57 4.30
C PRO A 84 0.84 -36.78 4.51
N GLU A 85 0.40 -36.66 5.78
CA GLU A 85 -0.87 -35.99 6.11
C GLU A 85 -0.71 -34.52 6.55
N MET A 86 0.51 -34.03 6.55
CA MET A 86 0.78 -32.65 6.94
C MET A 86 0.17 -31.71 5.91
N LEU A 87 -0.44 -30.62 6.38
CA LEU A 87 -0.78 -29.53 5.47
C LEU A 87 0.53 -28.80 5.20
N ILE A 88 0.98 -28.77 3.94
CA ILE A 88 2.23 -28.10 3.59
C ILE A 88 1.98 -27.04 2.52
N GLY A 89 2.28 -25.80 2.87
CA GLY A 89 2.18 -24.69 1.92
C GLY A 89 3.59 -24.31 1.54
N ALA A 90 3.77 -23.84 0.30
CA ALA A 90 5.04 -23.30 -0.13
C ALA A 90 4.89 -21.79 -0.17
N GLY A 91 5.75 -21.08 0.53
CA GLY A 91 5.63 -19.62 0.62
C GLY A 91 6.63 -18.89 -0.25
N THR A 92 6.47 -17.57 -0.35
CA THR A 92 7.38 -16.74 -1.16
C THR A 92 7.41 -17.14 -2.66
N ILE A 93 6.25 -17.54 -3.15
CA ILE A 93 6.13 -17.99 -4.55
C ILE A 93 5.89 -16.78 -5.45
N LEU A 94 6.87 -16.47 -6.30
CA LEU A 94 6.85 -15.21 -7.07
C LEU A 94 6.59 -15.42 -8.57
N ASN A 95 6.65 -16.67 -9.01
CA ASN A 95 6.38 -16.96 -10.42
C ASN A 95 5.94 -18.40 -10.61
N GLY A 96 5.55 -18.71 -11.84
CA GLY A 96 5.08 -20.06 -12.17
C GLY A 96 6.10 -21.17 -12.09
N GLU A 97 7.37 -20.87 -12.38
CA GLU A 97 8.45 -21.84 -12.22
C GLU A 97 8.54 -22.34 -10.78
N GLN A 98 8.52 -21.40 -9.84
CA GLN A 98 8.57 -21.77 -8.43
C GLN A 98 7.32 -22.53 -8.04
N ALA A 99 6.16 -22.10 -8.54
CA ALA A 99 4.91 -22.73 -8.18
C ALA A 99 4.95 -24.19 -8.61
N LEU A 100 5.46 -24.43 -9.82
CA LEU A 100 5.56 -25.79 -10.36
C LEU A 100 6.54 -26.62 -9.52
N ALA A 101 7.69 -26.04 -9.18
CA ALA A 101 8.63 -26.72 -8.29
C ALA A 101 7.98 -27.10 -6.97
N ALA A 102 7.17 -26.19 -6.42
CA ALA A 102 6.47 -26.46 -5.16
C ALA A 102 5.46 -27.60 -5.29
N LYS A 103 4.71 -27.59 -6.39
CA LYS A 103 3.74 -28.63 -6.65
C LYS A 103 4.45 -29.98 -6.77
N GLU A 104 5.53 -30.02 -7.54
CA GLU A 104 6.26 -31.27 -7.74
C GLU A 104 6.92 -31.78 -6.46
N ALA A 105 7.35 -30.86 -5.60
CA ALA A 105 7.92 -31.23 -4.32
C ALA A 105 6.90 -31.83 -3.38
N GLY A 106 5.61 -31.54 -3.59
CA GLY A 106 4.58 -32.08 -2.73
C GLY A 106 3.77 -31.08 -1.94
N ALA A 107 3.87 -29.79 -2.24
CA ALA A 107 3.06 -28.83 -1.49
C ALA A 107 1.56 -28.93 -1.82
N THR A 108 0.72 -28.69 -0.81
CA THR A 108 -0.75 -28.65 -0.93
C THR A 108 -1.20 -27.36 -1.61
N PHE A 109 -0.48 -26.28 -1.38
CA PHE A 109 -0.88 -24.99 -1.94
C PHE A 109 0.33 -24.06 -1.90
N VAL A 110 0.23 -22.92 -2.58
CA VAL A 110 1.32 -21.91 -2.61
C VAL A 110 0.79 -20.63 -2.02
N VAL A 111 1.72 -19.84 -1.47
CA VAL A 111 1.40 -18.56 -0.85
C VAL A 111 2.39 -17.58 -1.45
N SER A 112 1.93 -16.36 -1.71
CA SER A 112 2.82 -15.31 -2.20
C SER A 112 2.74 -14.10 -1.28
N PRO A 113 3.83 -13.33 -1.17
CA PRO A 113 3.77 -12.21 -0.24
C PRO A 113 2.89 -11.08 -0.75
N GLY A 114 2.85 -10.90 -2.06
CA GLY A 114 1.96 -9.90 -2.66
C GLY A 114 1.07 -10.57 -3.69
N PHE A 115 0.44 -9.76 -4.53
CA PHE A 115 -0.50 -10.30 -5.52
C PHE A 115 0.01 -10.02 -6.92
N ASN A 116 0.29 -11.07 -7.68
CA ASN A 116 0.71 -10.91 -9.07
C ASN A 116 -0.21 -11.75 -9.96
N PRO A 117 -1.01 -11.11 -10.82
CA PRO A 117 -1.92 -11.88 -11.68
C PRO A 117 -1.23 -12.94 -12.51
N ASN A 118 0.01 -12.70 -12.91
CA ASN A 118 0.78 -13.70 -13.66
C ASN A 118 1.04 -14.96 -12.85
N THR A 119 1.33 -14.81 -11.56
CA THR A 119 1.52 -15.96 -10.70
C THR A 119 0.21 -16.72 -10.53
N VAL A 120 -0.88 -15.97 -10.32
CA VAL A 120 -2.20 -16.57 -10.13
C VAL A 120 -2.60 -17.36 -11.38
N ARG A 121 -2.38 -16.79 -12.55
CA ARG A 121 -2.65 -17.49 -13.82
C ARG A 121 -1.80 -18.76 -13.97
N ALA A 122 -0.53 -18.67 -13.59
CA ALA A 122 0.34 -19.84 -13.70
C ALA A 122 -0.14 -20.95 -12.79
N CYS A 123 -0.58 -20.59 -11.58
CA CYS A 123 -1.06 -21.60 -10.64
C CYS A 123 -2.28 -22.32 -11.18
N GLN A 124 -3.16 -21.57 -11.84
CA GLN A 124 -4.33 -22.14 -12.48
C GLN A 124 -3.91 -23.16 -13.53
N GLU A 125 -2.95 -22.82 -14.37
CA GLU A 125 -2.45 -23.69 -15.43
C GLU A 125 -1.88 -24.99 -14.88
N ILE A 126 -1.05 -24.82 -13.87
CA ILE A 126 -0.29 -25.89 -13.25
C ILE A 126 -1.20 -26.82 -12.46
N GLY A 127 -2.27 -26.26 -11.92
CA GLY A 127 -3.17 -27.00 -11.06
C GLY A 127 -2.77 -27.02 -9.58
N ILE A 128 -2.47 -25.86 -9.01
CA ILE A 128 -2.22 -25.81 -7.58
C ILE A 128 -2.90 -24.56 -7.01
N ASP A 129 -3.52 -24.66 -5.83
CA ASP A 129 -4.19 -23.49 -5.24
C ASP A 129 -3.18 -22.46 -4.77
N ILE A 130 -3.55 -21.20 -4.90
CA ILE A 130 -2.70 -20.10 -4.38
C ILE A 130 -3.50 -19.26 -3.40
N VAL A 131 -2.83 -18.87 -2.32
CA VAL A 131 -3.35 -17.89 -1.40
C VAL A 131 -2.38 -16.72 -1.52
N PRO A 132 -2.75 -15.69 -2.29
CA PRO A 132 -1.85 -14.59 -2.50
C PRO A 132 -1.93 -13.56 -1.39
N GLY A 133 -0.89 -12.72 -1.28
CA GLY A 133 -0.84 -11.70 -0.24
C GLY A 133 -1.42 -10.37 -0.68
N VAL A 134 -2.14 -9.74 0.24
CA VAL A 134 -2.72 -8.44 0.00
C VAL A 134 -2.52 -7.55 1.22
N ASN A 135 -2.55 -6.22 1.04
CA ASN A 135 -2.54 -5.36 2.22
C ASN A 135 -3.34 -4.08 2.11
N ASN A 136 -4.18 -3.97 1.06
CA ASN A 136 -5.02 -2.79 0.91
C ASN A 136 -6.26 -3.10 0.05
N PRO A 137 -7.22 -2.18 0.04
CA PRO A 137 -8.47 -2.50 -0.64
C PRO A 137 -8.33 -2.74 -2.14
N SER A 138 -7.46 -1.99 -2.81
CA SER A 138 -7.29 -2.20 -4.25
C SER A 138 -6.74 -3.57 -4.57
N THR A 139 -5.77 -4.03 -3.78
CA THR A 139 -5.27 -5.39 -4.02
C THR A 139 -6.31 -6.46 -3.73
N VAL A 140 -7.11 -6.24 -2.68
CA VAL A 140 -8.25 -7.14 -2.42
C VAL A 140 -9.18 -7.21 -3.63
N GLU A 141 -9.47 -6.06 -4.22
CA GLU A 141 -10.40 -6.07 -5.36
C GLU A 141 -9.78 -6.78 -6.53
N ALA A 142 -8.47 -6.61 -6.69
CA ALA A 142 -7.78 -7.31 -7.80
C ALA A 142 -7.90 -8.83 -7.61
N ALA A 143 -7.72 -9.30 -6.38
CA ALA A 143 -7.81 -10.72 -6.10
C ALA A 143 -9.25 -11.23 -6.31
N LEU A 144 -10.22 -10.46 -5.82
CA LEU A 144 -11.63 -10.86 -5.91
C LEU A 144 -12.01 -11.01 -7.38
N GLU A 145 -11.44 -10.16 -8.20
CA GLU A 145 -11.80 -10.16 -9.62
C GLU A 145 -11.27 -11.40 -10.33
N MET A 146 -10.21 -12.01 -9.76
CA MET A 146 -9.72 -13.29 -10.28
C MET A 146 -10.34 -14.51 -9.61
N GLY A 147 -11.39 -14.27 -8.82
CA GLY A 147 -12.13 -15.35 -8.18
C GLY A 147 -11.50 -15.89 -6.91
N LEU A 148 -10.55 -15.14 -6.35
CA LEU A 148 -9.90 -15.58 -5.12
C LEU A 148 -10.52 -14.94 -3.90
N THR A 149 -10.74 -15.73 -2.86
CA THR A 149 -11.32 -15.20 -1.63
C THR A 149 -10.49 -15.46 -0.39
N THR A 150 -9.67 -16.52 -0.38
CA THR A 150 -8.78 -16.72 0.76
C THR A 150 -7.43 -16.05 0.44
N LEU A 151 -7.08 -15.07 1.28
CA LEU A 151 -5.95 -14.18 1.00
C LEU A 151 -5.08 -14.08 2.23
N LYS A 152 -3.78 -13.97 2.02
CA LYS A 152 -2.85 -13.68 3.08
C LYS A 152 -2.86 -12.17 3.30
N PHE A 153 -2.90 -11.74 4.54
CA PHE A 153 -2.89 -10.31 4.81
C PHE A 153 -1.48 -10.05 5.34
N PHE A 154 -0.65 -9.40 4.52
CA PHE A 154 0.78 -9.32 4.83
C PHE A 154 1.39 -8.02 4.29
N PRO A 155 2.30 -7.40 5.06
CA PRO A 155 2.71 -7.75 6.44
C PRO A 155 1.69 -7.18 7.42
N ALA A 156 1.15 -8.07 8.25
CA ALA A 156 -0.03 -7.70 8.99
C ALA A 156 0.20 -6.49 9.93
N GLU A 157 1.15 -6.57 10.85
CA GLU A 157 1.33 -5.47 11.82
C GLU A 157 1.78 -4.18 11.14
N ALA A 158 2.76 -4.29 10.25
CA ALA A 158 3.31 -3.09 9.62
C ALA A 158 2.30 -2.40 8.72
N SER A 159 1.30 -3.15 8.25
CA SER A 159 0.26 -2.56 7.38
C SER A 159 -0.89 -1.93 8.14
N GLY A 160 -0.85 -1.95 9.47
CA GLY A 160 -1.95 -1.36 10.21
C GLY A 160 -2.66 -2.33 11.13
N GLY A 161 -2.23 -3.58 11.12
CA GLY A 161 -2.76 -4.58 12.08
C GLY A 161 -4.26 -4.75 12.09
N ILE A 162 -4.82 -4.96 13.28
CA ILE A 162 -6.22 -5.33 13.36
C ILE A 162 -7.14 -4.22 12.84
N SER A 163 -6.72 -2.97 12.98
CA SER A 163 -7.52 -1.86 12.45
CA SER A 163 -7.52 -1.86 12.45
CA SER A 163 -7.55 -1.87 12.45
C SER A 163 -7.66 -1.94 10.93
N MET A 164 -6.56 -2.34 10.25
CA MET A 164 -6.62 -2.55 8.80
C MET A 164 -7.46 -3.80 8.48
N VAL A 165 -7.28 -4.89 9.22
CA VAL A 165 -8.08 -6.07 8.95
C VAL A 165 -9.58 -5.71 9.03
N LYS A 166 -9.99 -5.05 10.10
CA LYS A 166 -11.38 -4.64 10.24
C LYS A 166 -11.84 -3.78 9.07
N SER A 167 -10.97 -2.90 8.58
CA SER A 167 -11.31 -2.06 7.43
C SER A 167 -11.54 -2.85 6.17
N LEU A 168 -10.79 -3.94 5.94
CA LEU A 168 -10.92 -4.77 4.73
C LEU A 168 -12.10 -5.74 4.77
N VAL A 169 -12.29 -6.43 5.88
CA VAL A 169 -13.32 -7.44 5.91
C VAL A 169 -14.71 -6.80 5.84
N GLY A 170 -14.80 -5.55 6.31
CA GLY A 170 -16.06 -4.81 6.29
C GLY A 170 -16.71 -4.69 4.92
N PRO A 171 -16.04 -4.01 3.99
CA PRO A 171 -16.63 -3.87 2.66
C PRO A 171 -16.55 -5.12 1.82
N TYR A 172 -15.65 -6.04 2.17
CA TYR A 172 -15.45 -7.24 1.38
C TYR A 172 -15.83 -8.48 2.16
N GLY A 173 -17.13 -8.71 2.26
CA GLY A 173 -17.67 -9.81 3.05
C GLY A 173 -17.25 -11.21 2.63
N ASP A 174 -16.81 -11.38 1.40
CA ASP A 174 -16.47 -12.73 0.90
C ASP A 174 -15.06 -13.16 1.27
N ILE A 175 -14.21 -12.21 1.69
CA ILE A 175 -12.83 -12.60 1.89
C ILE A 175 -12.61 -13.35 3.20
N ARG A 176 -11.64 -14.26 3.17
CA ARG A 176 -11.18 -14.92 4.39
C ARG A 176 -9.67 -14.69 4.43
N LEU A 177 -9.17 -14.31 5.60
CA LEU A 177 -7.78 -13.85 5.69
C LEU A 177 -6.88 -14.75 6.51
N MET A 178 -5.61 -14.76 6.10
CA MET A 178 -4.56 -15.33 6.93
C MET A 178 -3.53 -14.24 7.22
N PRO A 179 -3.72 -13.46 8.30
CA PRO A 179 -2.74 -12.44 8.69
C PRO A 179 -1.39 -13.06 9.04
N THR A 180 -0.34 -12.46 8.52
CA THR A 180 1.01 -12.94 8.78
C THR A 180 1.89 -11.71 8.78
N GLY A 181 2.88 -11.69 9.70
CA GLY A 181 3.81 -10.56 9.79
C GLY A 181 3.61 -9.89 11.14
N GLY A 182 4.52 -10.17 12.07
CA GLY A 182 4.42 -9.54 13.39
C GLY A 182 3.44 -10.19 14.34
N ILE A 183 2.88 -11.33 13.98
CA ILE A 183 1.93 -12.04 14.86
C ILE A 183 2.69 -12.77 15.99
N THR A 184 2.19 -12.64 17.22
CA THR A 184 2.80 -13.29 18.40
C THR A 184 1.69 -13.83 19.29
N PRO A 185 2.06 -14.62 20.32
CA PRO A 185 0.99 -15.06 21.21
C PRO A 185 0.24 -13.89 21.86
N SER A 186 0.87 -12.74 21.99
CA SER A 186 0.26 -11.56 22.63
C SER A 186 -0.76 -10.81 21.79
N ASN A 187 -0.73 -11.00 20.47
CA ASN A 187 -1.69 -10.32 19.61
C ASN A 187 -2.57 -11.22 18.75
N ILE A 188 -2.30 -12.52 18.72
CA ILE A 188 -3.01 -13.39 17.80
C ILE A 188 -4.51 -13.46 18.12
N ASP A 189 -4.86 -13.42 19.41
CA ASP A 189 -6.27 -13.57 19.78
C ASP A 189 -7.09 -12.45 19.17
N ASN A 190 -6.51 -11.27 19.09
CA ASN A 190 -7.20 -10.10 18.55
C ASN A 190 -7.51 -10.28 17.06
N TYR A 191 -6.59 -10.93 16.34
CA TYR A 191 -6.88 -11.28 14.96
C TYR A 191 -7.91 -12.39 14.84
N LEU A 192 -7.78 -13.44 15.65
CA LEU A 192 -8.66 -14.56 15.52
C LEU A 192 -10.10 -14.22 15.95
N ALA A 193 -10.24 -13.19 16.76
CA ALA A 193 -11.57 -12.71 17.16
C ALA A 193 -12.38 -12.15 15.99
N ILE A 194 -11.69 -11.76 14.91
CA ILE A 194 -12.38 -11.29 13.70
C ILE A 194 -12.88 -12.50 12.92
N PRO A 195 -14.20 -12.62 12.71
CA PRO A 195 -14.78 -13.84 12.11
C PRO A 195 -14.16 -14.26 10.76
N GLN A 196 -13.78 -13.28 9.95
CA GLN A 196 -13.29 -13.55 8.62
C GLN A 196 -11.80 -13.93 8.63
N VAL A 197 -11.16 -13.89 9.80
CA VAL A 197 -9.78 -14.38 9.87
C VAL A 197 -9.80 -15.89 10.11
N LEU A 198 -9.15 -16.66 9.23
CA LEU A 198 -9.16 -18.13 9.35
C LEU A 198 -8.06 -18.63 10.30
N ALA A 199 -6.86 -18.07 10.14
CA ALA A 199 -5.66 -18.52 10.85
C ALA A 199 -4.63 -17.42 10.66
N CYS A 200 -3.63 -17.39 11.52
CA CYS A 200 -2.51 -16.47 11.33
C CYS A 200 -1.22 -17.25 11.13
N GLY A 201 -0.34 -16.72 10.30
CA GLY A 201 1.00 -17.29 10.18
C GLY A 201 1.91 -16.77 11.28
N GLY A 202 2.75 -17.64 11.83
CA GLY A 202 3.63 -17.21 12.91
C GLY A 202 4.97 -17.91 12.82
N THR A 203 6.03 -17.19 13.17
CA THR A 203 7.36 -17.78 13.05
C THR A 203 7.97 -18.09 14.41
N TRP A 204 7.34 -17.62 15.48
CA TRP A 204 8.03 -17.65 16.78
C TRP A 204 8.30 -19.05 17.29
N MET A 205 7.39 -19.99 17.00
CA MET A 205 7.55 -21.36 17.50
C MET A 205 8.50 -22.21 16.65
N VAL A 206 8.94 -21.65 15.52
CA VAL A 206 9.87 -22.30 14.58
C VAL A 206 11.01 -21.37 14.21
N ASP A 207 11.31 -20.44 15.12
CA ASP A 207 12.35 -19.43 14.91
C ASP A 207 13.67 -20.08 14.50
N LYS A 208 14.35 -19.47 13.54
CA LYS A 208 15.63 -19.98 13.04
C LYS A 208 16.59 -20.37 14.16
N LYS A 209 16.73 -19.49 15.14
CA LYS A 209 17.64 -19.73 16.24
C LYS A 209 17.30 -21.07 16.92
N LEU A 210 16.01 -21.31 17.15
CA LEU A 210 15.60 -22.53 17.85
C LEU A 210 15.89 -23.77 17.00
N VAL A 211 15.61 -23.68 15.71
CA VAL A 211 15.70 -24.83 14.82
C VAL A 211 17.17 -25.15 14.56
N THR A 212 17.95 -24.12 14.22
CA THR A 212 19.38 -24.25 14.00
C THR A 212 20.09 -24.85 15.21
N ASN A 213 19.75 -24.37 16.39
CA ASN A 213 20.38 -24.86 17.62
C ASN A 213 19.70 -26.11 18.18
N GLY A 214 18.75 -26.65 17.42
CA GLY A 214 18.04 -27.87 17.82
C GLY A 214 17.39 -27.82 19.19
N GLU A 215 16.74 -26.71 19.53
CA GLU A 215 16.03 -26.58 20.80
CA GLU A 215 16.04 -26.59 20.81
C GLU A 215 14.66 -27.22 20.69
N TRP A 216 14.62 -28.55 20.52
CA TRP A 216 13.37 -29.24 20.27
C TRP A 216 12.38 -29.15 21.41
N ASP A 217 12.87 -29.16 22.65
CA ASP A 217 11.94 -29.02 23.79
C ASP A 217 11.26 -27.64 23.82
N GLU A 218 12.00 -26.58 23.55
CA GLU A 218 11.40 -25.25 23.49
C GLU A 218 10.39 -25.10 22.34
N ILE A 219 10.73 -25.60 21.17
CA ILE A 219 9.78 -25.62 20.05
C ILE A 219 8.50 -26.37 20.45
N ALA A 220 8.68 -27.53 21.10
CA ALA A 220 7.53 -28.30 21.54
C ALA A 220 6.67 -27.54 22.55
N ARG A 221 7.29 -26.84 23.46
CA ARG A 221 6.58 -26.11 24.47
C ARG A 221 5.78 -25.00 23.83
N LEU A 222 6.45 -24.22 23.02
CA LEU A 222 5.77 -23.09 22.35
C LEU A 222 4.61 -23.57 21.51
N THR A 223 4.79 -24.70 20.84
CA THR A 223 3.75 -25.29 20.03
C THR A 223 2.58 -25.71 20.92
N ARG A 224 2.86 -26.42 22.01
CA ARG A 224 1.76 -26.82 22.91
C ARG A 224 1.01 -25.60 23.44
N GLU A 225 1.77 -24.58 23.81
CA GLU A 225 1.19 -23.37 24.42
C GLU A 225 0.24 -22.65 23.47
N ILE A 226 0.63 -22.48 22.20
CA ILE A 226 -0.26 -21.75 21.29
C ILE A 226 -1.47 -22.57 20.92
N VAL A 227 -1.29 -23.87 20.72
CA VAL A 227 -2.41 -24.75 20.39
C VAL A 227 -3.47 -24.66 21.49
N GLU A 228 -3.01 -24.72 22.74
CA GLU A 228 -3.91 -24.61 23.89
C GLU A 228 -4.58 -23.23 23.94
N GLN A 229 -3.81 -22.20 23.62
CA GLN A 229 -4.32 -20.83 23.64
C GLN A 229 -5.42 -20.60 22.62
N VAL A 230 -5.26 -21.11 21.40
CA VAL A 230 -6.22 -20.79 20.35
C VAL A 230 -7.30 -21.84 20.20
N ASN A 231 -7.11 -23.00 20.82
CA ASN A 231 -8.05 -24.10 20.69
C ASN A 231 -8.25 -24.71 22.05
N PRO A 232 -8.74 -23.91 23.02
CA PRO A 232 -8.96 -24.34 24.39
C PRO A 232 -10.13 -25.31 24.47
N PHE B 20 -21.71 10.81 -22.23
CA PHE B 20 -21.72 11.04 -20.75
C PHE B 20 -20.93 12.29 -20.37
N GLN B 21 -21.61 13.27 -19.80
CA GLN B 21 -20.92 14.45 -19.27
C GLN B 21 -20.76 14.35 -17.74
N SER B 22 -19.51 14.33 -17.30
CA SER B 22 -19.20 14.21 -15.87
C SER B 22 -19.73 15.37 -15.04
N MET B 23 -20.32 15.02 -13.91
CA MET B 23 -20.82 15.98 -12.94
C MET B 23 -19.79 16.22 -11.85
N MET B 24 -18.53 15.84 -12.06
CA MET B 24 -17.55 15.96 -10.96
C MET B 24 -17.35 17.39 -10.42
N SER B 25 -17.47 18.40 -11.27
CA SER B 25 -17.28 19.77 -10.79
C SER B 25 -18.40 20.13 -9.81
N THR B 26 -19.62 19.67 -10.11
CA THR B 26 -20.76 19.87 -9.22
C THR B 26 -20.56 19.09 -7.91
N ILE B 27 -20.16 17.83 -8.04
CA ILE B 27 -19.94 16.98 -6.86
C ILE B 27 -18.83 17.55 -5.98
N ASN B 28 -17.72 17.95 -6.59
CA ASN B 28 -16.61 18.57 -5.83
C ASN B 28 -17.10 19.76 -5.01
N ASN B 29 -17.92 20.60 -5.65
CA ASN B 29 -18.42 21.78 -4.95
C ASN B 29 -19.34 21.43 -3.80
N GLN B 30 -20.19 20.43 -4.01
CA GLN B 30 -21.09 20.00 -2.95
C GLN B 30 -20.31 19.39 -1.79
N LEU B 31 -19.35 18.52 -2.09
CA LEU B 31 -18.49 17.97 -1.03
C LEU B 31 -17.76 19.05 -0.24
N LYS B 32 -17.20 20.04 -0.93
CA LYS B 32 -16.43 21.09 -0.28
C LYS B 32 -17.31 21.86 0.70
N ALA B 33 -18.57 22.06 0.31
CA ALA B 33 -19.52 22.73 1.19
C ALA B 33 -19.92 21.87 2.37
N LEU B 34 -20.19 20.58 2.13
CA LEU B 34 -20.66 19.70 3.19
C LEU B 34 -19.61 19.39 4.26
N LYS B 35 -18.40 19.11 3.78
CA LYS B 35 -17.23 18.73 4.60
C LYS B 35 -17.29 17.35 5.26
N VAL B 36 -18.49 16.83 5.46
CA VAL B 36 -18.66 15.52 6.07
C VAL B 36 -19.78 14.81 5.35
N ILE B 37 -19.52 13.58 4.94
CA ILE B 37 -20.54 12.79 4.26
C ILE B 37 -20.93 11.56 5.07
N PRO B 38 -22.20 11.48 5.49
CA PRO B 38 -22.63 10.27 6.19
C PRO B 38 -22.51 9.05 5.31
N VAL B 39 -21.81 8.05 5.82
CA VAL B 39 -21.69 6.77 5.21
C VAL B 39 -22.63 5.80 5.92
N ILE B 40 -23.66 5.38 5.19
CA ILE B 40 -24.82 4.67 5.74
C ILE B 40 -24.88 3.19 5.39
N ALA B 41 -24.97 2.36 6.43
CA ALA B 41 -25.20 0.94 6.26
C ALA B 41 -26.57 0.66 6.85
N ILE B 42 -27.53 0.42 5.97
CA ILE B 42 -28.93 0.31 6.35
C ILE B 42 -29.33 -1.16 6.33
N ASP B 43 -30.17 -1.58 7.27
CA ASP B 43 -30.66 -2.95 7.29
C ASP B 43 -32.02 -3.02 6.62
N ASN B 44 -32.93 -2.18 7.08
CA ASN B 44 -34.25 -2.07 6.50
C ASN B 44 -34.30 -0.80 5.69
N ALA B 45 -34.60 -0.95 4.40
CA ALA B 45 -34.57 0.20 3.50
C ALA B 45 -35.48 1.32 3.94
N GLU B 46 -36.61 0.97 4.54
CA GLU B 46 -37.59 1.94 5.01
C GLU B 46 -36.97 2.95 6.00
N ASP B 47 -35.97 2.49 6.73
CA ASP B 47 -35.26 3.30 7.73
C ASP B 47 -34.55 4.50 7.12
N ILE B 48 -34.34 4.49 5.79
CA ILE B 48 -33.68 5.62 5.15
C ILE B 48 -34.53 6.88 5.16
N ILE B 49 -35.84 6.72 5.33
CA ILE B 49 -36.71 7.86 5.28
C ILE B 49 -36.57 8.72 6.54
N PRO B 50 -36.79 8.11 7.72
CA PRO B 50 -36.58 8.97 8.90
C PRO B 50 -35.11 9.41 9.03
N LEU B 51 -34.17 8.55 8.64
CA LEU B 51 -32.73 8.91 8.72
C LEU B 51 -32.42 10.11 7.85
N GLY B 52 -32.89 10.09 6.59
CA GLY B 52 -32.68 11.20 5.69
C GLY B 52 -33.33 12.49 6.15
N LYS B 53 -34.50 12.37 6.80
CA LYS B 53 -35.21 13.54 7.31
C LYS B 53 -34.38 14.19 8.40
N VAL B 54 -33.87 13.36 9.31
CA VAL B 54 -33.03 13.86 10.40
C VAL B 54 -31.74 14.47 9.87
N LEU B 55 -31.07 13.77 8.96
CA LEU B 55 -29.88 14.40 8.34
C LEU B 55 -30.17 15.74 7.68
N ALA B 56 -31.19 15.78 6.82
CA ALA B 56 -31.44 17.01 6.08
C ALA B 56 -31.86 18.18 6.99
N GLU B 57 -32.75 17.93 7.94
CA GLU B 57 -33.24 19.04 8.77
C GLU B 57 -32.20 19.51 9.80
N ASN B 58 -31.16 18.70 10.00
CA ASN B 58 -30.09 19.13 10.90
C ASN B 58 -28.86 19.67 10.18
N GLY B 59 -29.03 19.93 8.89
CA GLY B 59 -28.02 20.65 8.13
C GLY B 59 -27.06 19.81 7.30
N LEU B 60 -27.34 18.50 7.15
CA LEU B 60 -26.42 17.62 6.42
C LEU B 60 -27.13 16.84 5.31
N PRO B 61 -27.45 17.51 4.22
CA PRO B 61 -28.28 16.92 3.18
C PRO B 61 -27.46 16.08 2.20
N ALA B 62 -26.86 15.02 2.74
CA ALA B 62 -25.98 14.13 1.94
C ALA B 62 -25.98 12.74 2.54
N ALA B 63 -25.70 11.74 1.70
CA ALA B 63 -25.69 10.37 2.16
C ALA B 63 -24.96 9.52 1.15
N GLU B 64 -24.04 8.71 1.63
CA GLU B 64 -23.45 7.66 0.80
C GLU B 64 -24.01 6.34 1.30
N ILE B 65 -24.84 5.69 0.50
CA ILE B 65 -25.50 4.48 0.94
C ILE B 65 -24.69 3.29 0.47
N THR B 66 -24.16 2.54 1.41
CA THR B 66 -23.30 1.39 1.07
C THR B 66 -24.05 0.13 0.61
N PHE B 67 -23.53 -0.50 -0.44
CA PHE B 67 -24.09 -1.73 -0.99
C PHE B 67 -23.68 -2.98 -0.18
N ARG B 68 -24.10 -3.02 1.09
CA ARG B 68 -23.82 -4.13 2.00
C ARG B 68 -24.89 -5.23 1.89
N SER B 69 -26.01 -4.88 1.24
CA SER B 69 -27.09 -5.83 0.99
C SER B 69 -27.99 -5.30 -0.12
N ASP B 70 -28.87 -6.15 -0.63
CA ASP B 70 -29.83 -5.71 -1.64
C ASP B 70 -30.66 -4.50 -1.23
N ALA B 71 -30.87 -4.32 0.08
CA ALA B 71 -31.69 -3.20 0.57
C ALA B 71 -31.15 -1.80 0.22
N ALA B 72 -29.86 -1.71 -0.11
CA ALA B 72 -29.30 -0.41 -0.47
C ALA B 72 -29.98 0.24 -1.69
N VAL B 73 -30.35 -0.59 -2.67
CA VAL B 73 -30.94 -0.05 -3.90
C VAL B 73 -32.29 0.60 -3.60
N GLU B 74 -33.14 -0.11 -2.87
CA GLU B 74 -34.42 0.43 -2.46
C GLU B 74 -34.25 1.68 -1.61
N ALA B 75 -33.28 1.65 -0.69
CA ALA B 75 -32.97 2.82 0.13
C ALA B 75 -32.63 4.05 -0.70
N ILE B 76 -31.78 3.92 -1.73
CA ILE B 76 -31.51 5.04 -2.58
C ILE B 76 -32.80 5.57 -3.25
N ARG B 77 -33.62 4.65 -3.73
CA ARG B 77 -34.85 5.04 -4.43
CA ARG B 77 -34.85 5.03 -4.40
C ARG B 77 -35.80 5.78 -3.48
N LEU B 78 -36.00 5.26 -2.29
CA LEU B 78 -36.85 5.90 -1.26
C LEU B 78 -36.31 7.24 -0.84
N LEU B 79 -35.00 7.30 -0.55
CA LEU B 79 -34.40 8.59 -0.20
C LEU B 79 -34.50 9.67 -1.29
N ARG B 80 -34.31 9.29 -2.56
CA ARG B 80 -34.38 10.26 -3.64
C ARG B 80 -35.82 10.80 -3.76
N GLN B 81 -36.79 9.92 -3.55
CA GLN B 81 -38.20 10.33 -3.56
C GLN B 81 -38.51 11.27 -2.40
N ALA B 82 -37.98 10.93 -1.21
CA ALA B 82 -38.31 11.67 0.01
C ALA B 82 -37.52 12.96 0.17
N GLN B 83 -36.29 12.97 -0.34
CA GLN B 83 -35.40 14.11 -0.19
C GLN B 83 -34.76 14.39 -1.55
N PRO B 84 -35.53 14.99 -2.47
CA PRO B 84 -35.07 15.10 -3.85
C PRO B 84 -33.76 15.84 -4.07
N GLU B 85 -33.44 16.82 -3.24
CA GLU B 85 -32.25 17.64 -3.42
C GLU B 85 -31.05 17.09 -2.63
N MET B 86 -31.22 15.97 -1.99
CA MET B 86 -30.15 15.37 -1.22
C MET B 86 -29.03 14.94 -2.14
N LEU B 87 -27.78 15.09 -1.71
CA LEU B 87 -26.64 14.50 -2.45
C LEU B 87 -26.64 13.03 -2.06
N ILE B 88 -26.88 12.14 -3.04
CA ILE B 88 -26.93 10.71 -2.76
C ILE B 88 -25.91 9.98 -3.63
N GLY B 89 -24.96 9.34 -2.97
CA GLY B 89 -24.01 8.43 -3.62
C GLY B 89 -24.24 7.02 -3.16
N ALA B 90 -23.70 6.05 -3.90
CA ALA B 90 -23.77 4.68 -3.49
C ALA B 90 -22.34 4.26 -3.22
N GLY B 91 -22.14 3.52 -2.15
CA GLY B 91 -20.81 3.04 -1.79
C GLY B 91 -20.63 1.54 -1.93
N THR B 92 -19.38 1.11 -1.74
CA THR B 92 -19.04 -0.31 -1.85
C THR B 92 -19.38 -0.87 -3.23
N ILE B 93 -19.13 -0.05 -4.22
CA ILE B 93 -19.46 -0.41 -5.60
C ILE B 93 -18.24 -1.12 -6.21
N LEU B 94 -18.38 -2.42 -6.43
CA LEU B 94 -17.26 -3.28 -6.80
C LEU B 94 -17.26 -3.64 -8.27
N ASN B 95 -18.35 -3.32 -8.96
CA ASN B 95 -18.44 -3.66 -10.39
C ASN B 95 -19.43 -2.76 -11.12
N GLY B 96 -19.46 -2.86 -12.45
CA GLY B 96 -20.32 -1.97 -13.22
C GLY B 96 -21.80 -2.29 -13.03
N GLU B 97 -22.15 -3.56 -12.79
CA GLU B 97 -23.54 -3.96 -12.56
C GLU B 97 -24.10 -3.21 -11.35
N GLN B 98 -23.32 -3.18 -10.27
CA GLN B 98 -23.77 -2.44 -9.11
C GLN B 98 -23.84 -0.95 -9.37
N ALA B 99 -22.87 -0.41 -10.12
CA ALA B 99 -22.90 0.99 -10.50
C ALA B 99 -24.18 1.34 -11.29
N LEU B 100 -24.56 0.45 -12.21
CA LEU B 100 -25.83 0.64 -12.94
C LEU B 100 -27.05 0.61 -11.98
N ALA B 101 -27.09 -0.36 -11.08
CA ALA B 101 -28.19 -0.48 -10.12
C ALA B 101 -28.31 0.83 -9.37
N ALA B 102 -27.16 1.37 -8.97
CA ALA B 102 -27.16 2.63 -8.21
C ALA B 102 -27.62 3.81 -9.05
N LYS B 103 -27.20 3.85 -10.31
CA LYS B 103 -27.58 4.92 -11.19
C LYS B 103 -29.12 4.89 -11.41
N GLU B 104 -29.65 3.69 -11.65
CA GLU B 104 -31.09 3.53 -11.96
C GLU B 104 -31.92 3.85 -10.74
N ALA B 105 -31.36 3.61 -9.56
CA ALA B 105 -32.04 3.91 -8.30
C ALA B 105 -32.08 5.41 -8.00
N GLY B 106 -31.19 6.19 -8.63
CA GLY B 106 -31.16 7.63 -8.42
C GLY B 106 -29.89 8.20 -7.79
N ALA B 107 -28.88 7.37 -7.54
CA ALA B 107 -27.61 7.94 -7.07
C ALA B 107 -26.95 8.75 -8.19
N THR B 108 -26.26 9.83 -7.85
CA THR B 108 -25.54 10.63 -8.84
C THR B 108 -24.03 10.39 -8.89
N PHE B 109 -23.51 9.55 -8.00
CA PHE B 109 -22.10 9.12 -8.08
C PHE B 109 -21.98 7.83 -7.32
N VAL B 110 -20.91 7.08 -7.62
CA VAL B 110 -20.60 5.90 -6.88
C VAL B 110 -19.20 6.01 -6.28
N VAL B 111 -19.02 5.24 -5.21
CA VAL B 111 -17.74 5.19 -4.50
C VAL B 111 -17.34 3.73 -4.33
N SER B 112 -16.04 3.45 -4.48
CA SER B 112 -15.51 2.10 -4.25
C SER B 112 -14.44 2.17 -3.17
N PRO B 113 -14.28 1.08 -2.39
CA PRO B 113 -13.30 1.14 -1.29
C PRO B 113 -11.87 1.18 -1.82
N GLY B 114 -11.65 0.51 -2.95
CA GLY B 114 -10.34 0.53 -3.62
C GLY B 114 -10.52 0.95 -5.07
N PHE B 115 -9.48 0.72 -5.87
CA PHE B 115 -9.43 1.21 -7.24
C PHE B 115 -9.36 0.00 -8.16
N ASN B 116 -10.42 -0.19 -8.94
CA ASN B 116 -10.45 -1.26 -9.95
C ASN B 116 -10.68 -0.58 -11.28
N PRO B 117 -9.65 -0.57 -12.13
CA PRO B 117 -9.82 0.11 -13.39
C PRO B 117 -10.96 -0.48 -14.22
N ASN B 118 -11.29 -1.76 -14.04
CA ASN B 118 -12.43 -2.35 -14.79
C ASN B 118 -13.73 -1.70 -14.33
N THR B 119 -13.83 -1.44 -13.04
CA THR B 119 -15.04 -0.75 -12.55
C THR B 119 -15.12 0.67 -13.06
N VAL B 120 -13.99 1.37 -13.01
CA VAL B 120 -13.92 2.74 -13.51
C VAL B 120 -14.33 2.82 -14.99
N ARG B 121 -13.77 1.92 -15.80
CA ARG B 121 -14.14 1.86 -17.23
C ARG B 121 -15.66 1.64 -17.39
N ALA B 122 -16.21 0.70 -16.63
CA ALA B 122 -17.64 0.38 -16.72
C ALA B 122 -18.47 1.60 -16.37
N CYS B 123 -18.05 2.35 -15.36
CA CYS B 123 -18.78 3.56 -14.96
C CYS B 123 -18.73 4.62 -16.05
N GLN B 124 -17.61 4.71 -16.73
CA GLN B 124 -17.48 5.64 -17.82
C GLN B 124 -18.46 5.28 -18.93
N GLU B 125 -18.60 4.00 -19.19
CA GLU B 125 -19.44 3.49 -20.27
C GLU B 125 -20.92 3.64 -19.92
N ILE B 126 -21.30 3.36 -18.68
CA ILE B 126 -22.71 3.46 -18.34
C ILE B 126 -23.12 4.90 -18.02
N GLY B 127 -22.12 5.74 -17.78
CA GLY B 127 -22.33 7.17 -17.57
C GLY B 127 -22.72 7.56 -16.15
N ILE B 128 -21.91 7.16 -15.18
CA ILE B 128 -22.03 7.69 -13.81
C ILE B 128 -20.64 7.97 -13.25
N ASP B 129 -20.52 9.05 -12.49
CA ASP B 129 -19.23 9.41 -11.93
C ASP B 129 -18.84 8.47 -10.81
N ILE B 130 -17.55 8.17 -10.74
CA ILE B 130 -17.05 7.32 -9.67
C ILE B 130 -15.94 8.06 -8.92
N VAL B 131 -15.97 7.92 -7.59
CA VAL B 131 -14.88 8.38 -6.72
C VAL B 131 -14.29 7.12 -6.11
N PRO B 132 -13.19 6.63 -6.68
CA PRO B 132 -12.63 5.37 -6.19
C PRO B 132 -11.69 5.57 -5.00
N GLY B 133 -11.54 4.54 -4.17
CA GLY B 133 -10.62 4.61 -3.03
C GLY B 133 -9.18 4.27 -3.41
N VAL B 134 -8.26 5.03 -2.81
CA VAL B 134 -6.84 4.76 -2.91
C VAL B 134 -6.22 4.88 -1.52
N ASN B 135 -5.02 4.34 -1.35
CA ASN B 135 -4.33 4.55 -0.08
C ASN B 135 -2.81 4.59 -0.23
N ASN B 136 -2.29 4.70 -1.47
CA ASN B 136 -0.83 4.81 -1.64
C ASN B 136 -0.51 5.50 -2.96
N PRO B 137 0.75 5.87 -3.18
CA PRO B 137 1.09 6.62 -4.38
C PRO B 137 0.85 5.88 -5.68
N SER B 138 1.12 4.58 -5.71
CA SER B 138 0.93 3.85 -6.95
C SER B 138 -0.53 3.84 -7.38
N THR B 139 -1.42 3.69 -6.43
CA THR B 139 -2.84 3.64 -6.81
C THR B 139 -3.28 5.04 -7.22
N VAL B 140 -2.75 6.07 -6.58
CA VAL B 140 -3.07 7.43 -7.04
C VAL B 140 -2.67 7.60 -8.50
N GLU B 141 -1.47 7.15 -8.85
CA GLU B 141 -1.00 7.31 -10.24
C GLU B 141 -1.83 6.54 -11.21
N ALA B 142 -2.29 5.37 -10.80
CA ALA B 142 -3.22 4.57 -11.62
C ALA B 142 -4.49 5.34 -11.90
N ALA B 143 -5.03 5.99 -10.87
CA ALA B 143 -6.27 6.77 -11.03
C ALA B 143 -6.05 7.96 -11.92
N LEU B 144 -4.95 8.68 -11.71
CA LEU B 144 -4.64 9.88 -12.50
C LEU B 144 -4.53 9.52 -13.96
N GLU B 145 -4.00 8.34 -14.23
CA GLU B 145 -3.80 7.93 -15.62
C GLU B 145 -5.13 7.68 -16.34
N MET B 146 -6.16 7.33 -15.57
CA MET B 146 -7.52 7.18 -16.10
C MET B 146 -8.36 8.45 -16.06
N GLY B 147 -7.73 9.57 -15.72
CA GLY B 147 -8.37 10.88 -15.77
C GLY B 147 -9.14 11.25 -14.51
N LEU B 148 -8.92 10.51 -13.43
CA LEU B 148 -9.63 10.81 -12.20
C LEU B 148 -8.77 11.69 -11.30
N THR B 149 -9.40 12.61 -10.57
CA THR B 149 -8.67 13.47 -9.65
C THR B 149 -9.31 13.51 -8.26
N THR B 150 -10.63 13.32 -8.16
CA THR B 150 -11.30 13.18 -6.85
C THR B 150 -11.33 11.74 -6.40
N LEU B 151 -10.63 11.47 -5.28
CA LEU B 151 -10.43 10.10 -4.85
C LEU B 151 -10.77 9.99 -3.37
N LYS B 152 -11.27 8.81 -3.00
CA LYS B 152 -11.53 8.51 -1.61
C LYS B 152 -10.21 8.00 -1.03
N PHE B 153 -9.88 8.40 0.18
CA PHE B 153 -8.62 7.89 0.80
C PHE B 153 -9.08 6.95 1.92
N PHE B 154 -8.88 5.65 1.70
CA PHE B 154 -9.50 4.64 2.54
C PHE B 154 -8.58 3.40 2.65
N PRO B 155 -8.46 2.81 3.86
CA PRO B 155 -9.03 3.31 5.14
C PRO B 155 -8.11 4.36 5.74
N ALA B 156 -8.67 5.50 6.11
CA ALA B 156 -7.81 6.67 6.33
C ALA B 156 -6.88 6.47 7.53
N GLU B 157 -7.44 6.15 8.70
CA GLU B 157 -6.59 6.02 9.88
C GLU B 157 -5.66 4.82 9.78
N ALA B 158 -6.21 3.70 9.34
CA ALA B 158 -5.41 2.45 9.30
C ALA B 158 -4.26 2.53 8.27
N SER B 159 -4.37 3.42 7.30
CA SER B 159 -3.33 3.57 6.27
C SER B 159 -2.25 4.57 6.63
N GLY B 160 -2.38 5.19 7.80
CA GLY B 160 -1.39 6.15 8.26
C GLY B 160 -1.91 7.54 8.52
N GLY B 161 -3.21 7.75 8.32
CA GLY B 161 -3.82 9.00 8.81
C GLY B 161 -3.31 10.24 8.11
N ILE B 162 -3.32 11.35 8.86
CA ILE B 162 -2.95 12.62 8.27
C ILE B 162 -1.54 12.62 7.71
N SER B 163 -0.60 11.91 8.33
CA SER B 163 0.74 11.81 7.79
CA SER B 163 0.76 11.78 7.80
CA SER B 163 0.75 11.85 7.77
C SER B 163 0.74 11.21 6.38
N MET B 164 -0.07 10.17 6.17
CA MET B 164 -0.20 9.64 4.85
C MET B 164 -0.89 10.62 3.90
N VAL B 165 -1.97 11.27 4.34
CA VAL B 165 -2.63 12.20 3.46
C VAL B 165 -1.64 13.28 2.94
N LYS B 166 -0.85 13.83 3.85
CA LYS B 166 0.12 14.85 3.47
C LYS B 166 1.14 14.33 2.46
N SER B 167 1.54 13.07 2.61
CA SER B 167 2.45 12.44 1.65
C SER B 167 1.89 12.22 0.25
N LEU B 168 0.57 12.03 0.10
CA LEU B 168 -0.06 11.91 -1.22
C LEU B 168 -0.39 13.21 -1.92
N VAL B 169 -0.91 14.17 -1.17
CA VAL B 169 -1.33 15.37 -1.81
C VAL B 169 -0.08 16.15 -2.21
N GLY B 170 1.02 15.93 -1.47
CA GLY B 170 2.28 16.62 -1.72
C GLY B 170 2.79 16.45 -3.15
N PRO B 171 3.02 15.21 -3.59
CA PRO B 171 3.52 15.01 -4.95
C PRO B 171 2.46 15.19 -6.03
N TYR B 172 1.18 15.09 -5.67
CA TYR B 172 0.12 15.04 -6.66
C TYR B 172 -0.81 16.25 -6.51
N GLY B 173 -0.41 17.36 -7.09
CA GLY B 173 -1.10 18.64 -6.86
C GLY B 173 -2.53 18.65 -7.37
N ASP B 174 -2.86 17.73 -8.26
CA ASP B 174 -4.17 17.72 -8.92
C ASP B 174 -5.24 16.95 -8.14
N ILE B 175 -4.83 16.10 -7.22
CA ILE B 175 -5.83 15.28 -6.55
C ILE B 175 -6.60 16.03 -5.46
N ARG B 176 -7.83 15.57 -5.22
CA ARG B 176 -8.66 16.09 -4.13
C ARG B 176 -9.18 14.84 -3.42
N LEU B 177 -9.16 14.84 -2.09
CA LEU B 177 -9.39 13.58 -1.37
C LEU B 177 -10.64 13.62 -0.50
N MET B 178 -11.27 12.46 -0.37
CA MET B 178 -12.29 12.26 0.63
C MET B 178 -11.84 11.14 1.60
N PRO B 179 -11.14 11.50 2.68
CA PRO B 179 -10.70 10.50 3.65
C PRO B 179 -11.89 9.87 4.36
N THR B 180 -11.87 8.54 4.47
CA THR B 180 -12.92 7.81 5.15
C THR B 180 -12.26 6.65 5.85
N GLY B 181 -12.78 6.26 7.02
CA GLY B 181 -12.23 5.12 7.76
C GLY B 181 -11.57 5.66 9.02
N GLY B 182 -12.29 5.51 10.14
CA GLY B 182 -11.75 5.92 11.42
C GLY B 182 -11.86 7.41 11.70
N ILE B 183 -12.64 8.11 10.88
CA ILE B 183 -12.83 9.55 11.06
C ILE B 183 -13.86 9.75 12.16
N THR B 184 -13.56 10.67 13.05
CA THR B 184 -14.45 10.96 14.19
C THR B 184 -14.44 12.47 14.43
N PRO B 185 -15.33 12.95 15.32
CA PRO B 185 -15.22 14.37 15.57
C PRO B 185 -13.88 14.79 16.17
N SER B 186 -13.18 13.87 16.83
CA SER B 186 -11.92 14.18 17.48
CA SER B 186 -11.94 14.25 17.48
C SER B 186 -10.75 14.31 16.52
N ASN B 187 -10.90 13.75 15.32
CA ASN B 187 -9.82 13.88 14.35
C ASN B 187 -10.14 14.52 13.00
N ILE B 188 -11.41 14.82 12.74
CA ILE B 188 -11.78 15.34 11.44
C ILE B 188 -11.15 16.71 11.12
N ASP B 189 -10.99 17.56 12.12
CA ASP B 189 -10.46 18.89 11.86
C ASP B 189 -9.06 18.82 11.25
N ASN B 190 -8.27 17.87 11.69
CA ASN B 190 -6.91 17.72 11.20
C ASN B 190 -6.93 17.37 9.73
N TYR B 191 -7.84 16.53 9.31
CA TYR B 191 -7.97 16.22 7.90
C TYR B 191 -8.47 17.41 7.09
N LEU B 192 -9.51 18.08 7.58
CA LEU B 192 -10.07 19.20 6.84
C LEU B 192 -9.08 20.39 6.71
N ALA B 193 -8.12 20.45 7.61
CA ALA B 193 -7.11 21.52 7.55
C ALA B 193 -6.19 21.38 6.32
N ILE B 194 -6.16 20.20 5.71
CA ILE B 194 -5.40 20.00 4.46
C ILE B 194 -6.21 20.49 3.27
N PRO B 195 -5.68 21.48 2.51
CA PRO B 195 -6.45 22.12 1.45
C PRO B 195 -7.04 21.17 0.39
N GLN B 196 -6.30 20.12 0.05
CA GLN B 196 -6.76 19.18 -0.95
C GLN B 196 -7.76 18.17 -0.43
N VAL B 197 -8.06 18.19 0.87
CA VAL B 197 -9.16 17.37 1.37
C VAL B 197 -10.48 18.10 1.20
N LEU B 198 -11.43 17.48 0.50
CA LEU B 198 -12.72 18.14 0.22
C LEU B 198 -13.68 17.91 1.38
N ALA B 199 -13.74 16.66 1.81
CA ALA B 199 -14.69 16.27 2.85
C ALA B 199 -14.25 14.93 3.35
N CYS B 200 -14.74 14.54 4.52
CA CYS B 200 -14.46 13.22 5.05
C CYS B 200 -15.74 12.41 5.19
N GLY B 201 -15.64 11.12 4.96
CA GLY B 201 -16.80 10.24 5.18
C GLY B 201 -16.80 9.76 6.62
N GLY B 202 -17.98 9.68 7.23
CA GLY B 202 -18.07 9.29 8.62
C GLY B 202 -19.31 8.46 8.85
N THR B 203 -19.19 7.46 9.70
CA THR B 203 -20.32 6.61 10.01
C THR B 203 -20.91 6.94 11.37
N TRP B 204 -20.20 7.72 12.19
CA TRP B 204 -20.55 7.75 13.62
C TRP B 204 -21.93 8.36 13.87
N MET B 205 -22.32 9.35 13.05
CA MET B 205 -23.59 10.04 13.27
C MET B 205 -24.75 9.22 12.70
N VAL B 206 -24.46 8.19 11.91
CA VAL B 206 -25.52 7.32 11.36
C VAL B 206 -25.28 5.85 11.68
N ASP B 207 -24.58 5.60 12.78
CA ASP B 207 -24.22 4.24 13.14
C ASP B 207 -25.44 3.31 13.16
N LYS B 208 -25.28 2.11 12.64
CA LYS B 208 -26.39 1.19 12.48
C LYS B 208 -27.07 0.94 13.82
N LYS B 209 -26.27 0.81 14.87
CA LYS B 209 -26.82 0.67 16.22
C LYS B 209 -27.85 1.76 16.57
N LEU B 210 -27.54 3.02 16.26
CA LEU B 210 -28.45 4.14 16.53
C LEU B 210 -29.71 4.01 15.69
N VAL B 211 -29.54 3.64 14.43
CA VAL B 211 -30.69 3.53 13.52
C VAL B 211 -31.58 2.36 13.97
N THR B 212 -30.97 1.21 14.18
CA THR B 212 -31.67 0.02 14.65
C THR B 212 -32.48 0.28 15.92
N ASN B 213 -31.96 1.14 16.78
CA ASN B 213 -32.59 1.43 18.08
C ASN B 213 -33.49 2.64 18.04
N GLY B 214 -33.66 3.22 16.86
CA GLY B 214 -34.48 4.41 16.70
C GLY B 214 -34.04 5.57 17.57
N GLU B 215 -32.73 5.73 17.75
CA GLU B 215 -32.19 6.85 18.52
C GLU B 215 -32.15 8.15 17.70
N TRP B 216 -33.30 8.58 17.20
CA TRP B 216 -33.35 9.75 16.31
C TRP B 216 -32.88 11.03 16.96
N ASP B 217 -33.15 11.21 18.24
CA ASP B 217 -32.70 12.41 18.93
C ASP B 217 -31.16 12.47 18.97
N GLU B 218 -30.53 11.32 19.16
CA GLU B 218 -29.06 11.27 19.26
C GLU B 218 -28.44 11.49 17.88
N ILE B 219 -29.02 10.89 16.85
CA ILE B 219 -28.55 11.14 15.47
C ILE B 219 -28.68 12.63 15.15
N ALA B 220 -29.78 13.24 15.55
CA ALA B 220 -29.95 14.66 15.30
C ALA B 220 -28.89 15.49 16.02
N ARG B 221 -28.61 15.14 17.28
CA ARG B 221 -27.59 15.81 18.06
C ARG B 221 -26.18 15.67 17.44
N LEU B 222 -25.81 14.45 17.06
CA LEU B 222 -24.50 14.22 16.42
C LEU B 222 -24.39 14.97 15.11
N THR B 223 -25.49 15.00 14.35
CA THR B 223 -25.48 15.74 13.07
C THR B 223 -25.34 17.25 13.31
N ARG B 224 -26.14 17.83 14.20
CA ARG B 224 -26.01 19.26 14.46
C ARG B 224 -24.62 19.60 14.96
N GLU B 225 -24.08 18.75 15.81
CA GLU B 225 -22.80 19.00 16.42
C GLU B 225 -21.69 19.03 15.37
N ILE B 226 -21.70 18.06 14.46
CA ILE B 226 -20.64 18.04 13.44
C ILE B 226 -20.77 19.18 12.42
N VAL B 227 -22.00 19.54 12.06
CA VAL B 227 -22.23 20.65 11.15
C VAL B 227 -21.69 21.95 11.76
N GLU B 228 -21.98 22.16 13.04
CA GLU B 228 -21.47 23.35 13.71
C GLU B 228 -19.95 23.30 13.81
N GLN B 229 -19.40 22.12 14.07
CA GLN B 229 -17.97 22.00 14.16
C GLN B 229 -17.22 22.34 12.85
N VAL B 230 -17.68 21.82 11.72
CA VAL B 230 -16.93 21.96 10.47
C VAL B 230 -17.28 23.22 9.69
N ASN B 231 -18.47 23.73 9.91
CA ASN B 231 -18.95 24.90 9.22
C ASN B 231 -19.39 25.91 10.26
N PRO B 232 -18.45 26.40 11.08
CA PRO B 232 -18.77 27.30 12.18
C PRO B 232 -19.21 28.67 11.69
N HIS C 6 12.72 6.75 -31.80
CA HIS C 6 13.79 7.10 -32.78
C HIS C 6 14.96 6.13 -32.73
N HIS C 7 15.41 5.67 -33.90
CA HIS C 7 16.49 4.69 -33.99
C HIS C 7 17.87 5.35 -34.16
N SER C 8 18.83 5.00 -33.31
CA SER C 8 20.23 5.44 -33.51
C SER C 8 21.02 4.39 -34.28
N SER C 9 21.78 4.82 -35.28
CA SER C 9 22.61 3.89 -36.04
C SER C 9 23.47 3.10 -35.08
N GLY C 10 23.46 1.78 -35.22
CA GLY C 10 24.31 0.94 -34.41
C GLY C 10 23.71 0.48 -33.09
N VAL C 11 22.49 0.90 -32.78
CA VAL C 11 21.84 0.56 -31.50
C VAL C 11 20.55 -0.26 -31.68
N ASP C 12 20.62 -1.55 -31.37
CA ASP C 12 19.45 -2.42 -31.43
C ASP C 12 18.82 -2.50 -30.04
N LEU C 13 17.69 -3.20 -29.94
CA LEU C 13 17.01 -3.38 -28.65
C LEU C 13 17.93 -3.95 -27.56
N GLY C 14 18.78 -4.93 -27.92
CA GLY C 14 19.71 -5.52 -26.99
C GLY C 14 20.69 -4.52 -26.39
N THR C 15 21.15 -3.60 -27.22
CA THR C 15 22.08 -2.58 -26.75
C THR C 15 21.36 -1.62 -25.80
N GLU C 16 20.11 -1.27 -26.12
CA GLU C 16 19.32 -0.39 -25.25
C GLU C 16 19.11 -1.05 -23.90
N ASN C 17 18.83 -2.35 -23.90
CA ASN C 17 18.68 -3.07 -22.64
C ASN C 17 19.97 -3.12 -21.82
N LEU C 18 21.09 -3.40 -22.48
CA LEU C 18 22.36 -3.44 -21.82
C LEU C 18 22.72 -2.06 -21.23
N TYR C 19 22.38 -1.01 -21.99
CA TYR C 19 22.64 0.37 -21.56
C TYR C 19 21.86 0.67 -20.28
N PHE C 20 20.59 0.30 -20.29
CA PHE C 20 19.76 0.54 -19.11
C PHE C 20 20.34 -0.21 -17.91
N GLN C 21 20.77 -1.48 -18.11
CA GLN C 21 21.43 -2.21 -17.01
C GLN C 21 22.68 -1.52 -16.50
N SER C 22 23.48 -0.97 -17.41
CA SER C 22 24.69 -0.27 -17.03
C SER C 22 24.37 0.95 -16.17
N MET C 23 23.37 1.72 -16.60
CA MET C 23 22.94 2.93 -15.89
C MET C 23 22.40 2.56 -14.51
N MET C 24 21.63 1.48 -14.43
CA MET C 24 21.16 1.02 -13.11
CA MET C 24 21.16 1.00 -13.12
C MET C 24 22.35 0.75 -12.19
N SER C 25 23.37 0.06 -12.70
CA SER C 25 24.50 -0.27 -11.84
C SER C 25 25.26 0.96 -11.39
N THR C 26 25.42 1.91 -12.30
CA THR C 26 26.13 3.14 -11.98
C THR C 26 25.42 3.93 -10.88
N ILE C 27 24.11 4.10 -11.04
CA ILE C 27 23.32 4.79 -10.02
C ILE C 27 23.36 4.01 -8.69
N ASN C 28 23.16 2.70 -8.72
CA ASN C 28 23.19 1.92 -7.48
C ASN C 28 24.46 2.17 -6.70
N ASN C 29 25.60 2.16 -7.40
CA ASN C 29 26.85 2.32 -6.70
C ASN C 29 27.01 3.71 -6.10
N GLN C 30 26.57 4.72 -6.84
CA GLN C 30 26.58 6.08 -6.30
C GLN C 30 25.70 6.22 -5.06
N LEU C 31 24.46 5.74 -5.13
CA LEU C 31 23.57 5.79 -3.95
C LEU C 31 24.19 5.10 -2.73
N LYS C 32 24.81 3.95 -2.96
CA LYS C 32 25.32 3.14 -1.86
C LYS C 32 26.45 3.91 -1.17
N ALA C 33 27.24 4.67 -1.95
CA ALA C 33 28.31 5.49 -1.37
C ALA C 33 27.80 6.73 -0.64
N LEU C 34 26.82 7.40 -1.25
CA LEU C 34 26.33 8.68 -0.73
C LEU C 34 25.49 8.53 0.52
N LYS C 35 24.60 7.53 0.51
CA LYS C 35 23.73 7.19 1.66
C LYS C 35 22.60 8.18 1.98
N VAL C 36 22.73 9.43 1.57
CA VAL C 36 21.65 10.41 1.76
C VAL C 36 21.56 11.24 0.51
N ILE C 37 20.34 11.46 0.02
CA ILE C 37 20.11 12.25 -1.19
C ILE C 37 19.23 13.45 -0.89
N PRO C 38 19.74 14.67 -1.09
CA PRO C 38 18.90 15.85 -0.88
C PRO C 38 17.73 15.86 -1.87
N VAL C 39 16.53 16.05 -1.35
CA VAL C 39 15.34 16.13 -2.18
C VAL C 39 14.91 17.60 -2.18
N ILE C 40 15.01 18.22 -3.35
CA ILE C 40 14.95 19.67 -3.45
C ILE C 40 13.68 20.11 -4.13
N ALA C 41 12.92 20.96 -3.44
CA ALA C 41 11.75 21.58 -4.06
C ALA C 41 12.06 23.06 -4.12
N ILE C 42 12.16 23.57 -5.33
CA ILE C 42 12.61 24.93 -5.52
C ILE C 42 11.55 25.82 -6.20
N ASP C 43 11.37 27.02 -5.65
CA ASP C 43 10.47 28.04 -6.19
C ASP C 43 11.09 28.74 -7.39
N ASN C 44 12.31 29.25 -7.19
CA ASN C 44 13.01 30.03 -8.21
C ASN C 44 14.18 29.22 -8.75
N ALA C 45 14.19 28.96 -10.06
CA ALA C 45 15.26 28.14 -10.63
C ALA C 45 16.65 28.65 -10.26
N GLU C 46 16.82 29.98 -10.21
CA GLU C 46 18.15 30.52 -9.93
C GLU C 46 18.68 30.13 -8.54
N ASP C 47 17.77 29.79 -7.62
CA ASP C 47 18.20 29.39 -6.29
C ASP C 47 18.99 28.07 -6.30
N ILE C 48 18.86 27.31 -7.39
CA ILE C 48 19.61 26.06 -7.47
C ILE C 48 21.13 26.26 -7.50
N ILE C 49 21.59 27.42 -7.96
CA ILE C 49 23.00 27.68 -8.02
C ILE C 49 23.64 27.82 -6.62
N PRO C 50 23.15 28.76 -5.78
CA PRO C 50 23.72 28.79 -4.44
C PRO C 50 23.52 27.48 -3.68
N LEU C 51 22.38 26.81 -3.90
CA LEU C 51 22.13 25.57 -3.17
C LEU C 51 23.10 24.47 -3.59
N GLY C 52 23.33 24.34 -4.90
CA GLY C 52 24.28 23.34 -5.40
C GLY C 52 25.68 23.61 -4.89
N LYS C 53 26.03 24.89 -4.80
CA LYS C 53 27.34 25.24 -4.34
C LYS C 53 27.53 24.87 -2.87
N VAL C 54 26.53 25.16 -2.04
CA VAL C 54 26.61 24.79 -0.63
C VAL C 54 26.67 23.27 -0.43
N LEU C 55 25.89 22.53 -1.21
CA LEU C 55 25.92 21.09 -1.11
C LEU C 55 27.30 20.57 -1.46
N ALA C 56 27.81 21.00 -2.61
CA ALA C 56 29.08 20.48 -3.08
C ALA C 56 30.22 20.85 -2.14
N GLU C 57 30.25 22.10 -1.69
CA GLU C 57 31.39 22.53 -0.89
CA GLU C 57 31.36 22.58 -0.86
C GLU C 57 31.36 21.96 0.53
N ASN C 58 30.21 21.42 0.93
CA ASN C 58 30.09 20.77 2.22
C ASN C 58 30.03 19.25 2.13
N GLY C 59 30.38 18.73 0.96
CA GLY C 59 30.70 17.32 0.82
C GLY C 59 29.56 16.39 0.46
N LEU C 60 28.46 16.97 -0.05
CA LEU C 60 27.31 16.16 -0.49
C LEU C 60 26.99 16.47 -1.97
N PRO C 61 27.76 15.87 -2.90
CA PRO C 61 27.59 16.22 -4.31
C PRO C 61 26.45 15.42 -4.96
N ALA C 62 25.23 15.69 -4.49
CA ALA C 62 24.05 14.98 -5.00
C ALA C 62 22.84 15.85 -4.81
N ALA C 63 21.89 15.73 -5.75
CA ALA C 63 20.64 16.47 -5.67
C ALA C 63 19.55 15.78 -6.46
N GLU C 64 18.38 15.63 -5.87
CA GLU C 64 17.21 15.19 -6.61
C GLU C 64 16.24 16.37 -6.66
N ILE C 65 16.02 16.90 -7.84
CA ILE C 65 15.14 18.10 -8.00
C ILE C 65 13.72 17.67 -8.38
N THR C 66 12.74 17.99 -7.54
CA THR C 66 11.38 17.49 -7.78
C THR C 66 10.62 18.27 -8.85
N PHE C 67 9.92 17.55 -9.73
CA PHE C 67 9.07 18.20 -10.76
C PHE C 67 7.78 18.75 -10.20
N ARG C 68 7.59 18.63 -8.89
CA ARG C 68 6.48 19.29 -8.21
C ARG C 68 6.59 20.82 -8.32
N SER C 69 7.78 21.33 -8.62
CA SER C 69 7.95 22.77 -8.88
C SER C 69 8.03 23.06 -10.38
N ASP C 70 7.40 24.13 -10.83
CA ASP C 70 7.50 24.54 -12.23
C ASP C 70 8.93 24.87 -12.66
N ALA C 71 9.78 25.19 -11.71
CA ALA C 71 11.15 25.60 -12.01
C ALA C 71 12.11 24.43 -12.26
N ALA C 72 11.62 23.21 -12.12
CA ALA C 72 12.50 22.05 -12.05
C ALA C 72 13.43 21.84 -13.24
N VAL C 73 12.90 21.94 -14.45
CA VAL C 73 13.73 21.63 -15.64
C VAL C 73 14.87 22.67 -15.81
N GLU C 74 14.52 23.93 -15.66
CA GLU C 74 15.56 24.95 -15.75
C GLU C 74 16.57 24.80 -14.62
N ALA C 75 16.08 24.41 -13.43
CA ALA C 75 17.00 24.20 -12.33
C ALA C 75 17.98 23.06 -12.62
N ILE C 76 17.51 21.98 -13.22
CA ILE C 76 18.39 20.90 -13.54
C ILE C 76 19.45 21.38 -14.53
N ARG C 77 19.02 22.13 -15.53
CA ARG C 77 19.93 22.62 -16.57
C ARG C 77 21.00 23.54 -15.94
N LEU C 78 20.59 24.44 -15.07
CA LEU C 78 21.55 25.32 -14.37
C LEU C 78 22.52 24.56 -13.47
N LEU C 79 22.00 23.66 -12.64
CA LEU C 79 22.83 22.91 -11.75
C LEU C 79 23.82 22.02 -12.51
N ARG C 80 23.35 21.46 -13.61
CA ARG C 80 24.17 20.54 -14.39
C ARG C 80 25.42 21.26 -14.89
N GLN C 81 25.23 22.52 -15.26
CA GLN C 81 26.29 23.35 -15.81
C GLN C 81 27.22 23.87 -14.70
N ALA C 82 26.64 24.28 -13.58
CA ALA C 82 27.41 24.75 -12.44
C ALA C 82 28.18 23.65 -11.71
N GLN C 83 27.62 22.42 -11.72
CA GLN C 83 28.17 21.34 -10.91
C GLN C 83 28.30 20.07 -11.75
N PRO C 84 29.27 20.06 -12.67
CA PRO C 84 29.43 18.94 -13.60
C PRO C 84 29.63 17.59 -12.91
N GLU C 85 30.18 17.59 -11.70
CA GLU C 85 30.51 16.34 -11.04
C GLU C 85 29.36 15.81 -10.17
N MET C 86 28.32 16.60 -9.99
CA MET C 86 27.28 16.24 -9.04
C MET C 86 26.40 15.13 -9.61
N LEU C 87 25.91 14.26 -8.74
CA LEU C 87 24.84 13.33 -9.13
C LEU C 87 23.53 14.13 -9.14
N ILE C 88 22.88 14.21 -10.29
CA ILE C 88 21.64 14.98 -10.36
C ILE C 88 20.51 14.07 -10.81
N GLY C 89 19.47 13.99 -9.98
CA GLY C 89 18.29 13.24 -10.37
C GLY C 89 17.08 14.15 -10.44
N ALA C 90 15.99 13.66 -11.06
CA ALA C 90 14.73 14.42 -11.06
C ALA C 90 13.69 13.59 -10.33
N GLY C 91 12.88 14.22 -9.51
CA GLY C 91 11.84 13.49 -8.79
C GLY C 91 10.43 13.87 -9.23
N THR C 92 9.44 13.17 -8.67
CA THR C 92 8.05 13.38 -9.00
C THR C 92 7.79 13.18 -10.48
N ILE C 93 8.48 12.20 -11.07
CA ILE C 93 8.31 11.89 -12.49
C ILE C 93 7.13 10.94 -12.70
N LEU C 94 6.07 11.49 -13.31
CA LEU C 94 4.80 10.79 -13.45
C LEU C 94 4.59 10.21 -14.83
N ASN C 95 5.41 10.64 -15.79
CA ASN C 95 5.26 10.11 -17.12
C ASN C 95 6.55 10.23 -17.95
N GLY C 96 6.52 9.64 -19.13
CA GLY C 96 7.69 9.59 -20.01
C GLY C 96 8.11 10.93 -20.57
N GLU C 97 7.15 11.84 -20.77
CA GLU C 97 7.46 13.19 -21.24
C GLU C 97 8.28 13.93 -20.21
N GLN C 98 7.91 13.82 -18.94
CA GLN C 98 8.73 14.44 -17.89
C GLN C 98 10.07 13.77 -17.80
N ALA C 99 10.10 12.44 -17.91
CA ALA C 99 11.36 11.71 -17.87
C ALA C 99 12.32 12.20 -18.94
N LEU C 100 11.79 12.32 -20.14
CA LEU C 100 12.59 12.81 -21.27
C LEU C 100 13.10 14.22 -21.02
N ALA C 101 12.24 15.12 -20.52
CA ALA C 101 12.65 16.48 -20.22
C ALA C 101 13.79 16.51 -19.19
N ALA C 102 13.70 15.65 -18.19
CA ALA C 102 14.75 15.56 -17.20
C ALA C 102 16.06 15.06 -17.79
N LYS C 103 15.98 14.07 -18.68
CA LYS C 103 17.17 13.51 -19.33
C LYS C 103 17.85 14.59 -20.19
N GLU C 104 17.04 15.31 -20.94
CA GLU C 104 17.58 16.31 -21.89
C GLU C 104 18.32 17.37 -21.09
N ALA C 105 17.75 17.72 -19.96
CA ALA C 105 18.31 18.77 -19.09
C ALA C 105 19.60 18.35 -18.39
N GLY C 106 19.88 17.04 -18.35
CA GLY C 106 21.13 16.56 -17.78
C GLY C 106 21.06 15.66 -16.55
N ALA C 107 19.84 15.35 -16.10
CA ALA C 107 19.70 14.38 -15.01
C ALA C 107 20.16 13.00 -15.45
N THR C 108 20.69 12.21 -14.51
CA THR C 108 21.08 10.85 -14.86
C THR C 108 20.25 9.77 -14.15
N PHE C 109 19.24 10.19 -13.40
CA PHE C 109 18.24 9.22 -12.95
C PHE C 109 16.95 9.98 -12.65
N VAL C 110 15.85 9.24 -12.66
CA VAL C 110 14.55 9.78 -12.25
C VAL C 110 13.98 8.93 -11.14
N VAL C 111 13.18 9.60 -10.32
CA VAL C 111 12.47 8.96 -9.23
C VAL C 111 10.98 9.30 -9.38
N SER C 112 10.12 8.33 -9.07
CA SER C 112 8.67 8.59 -9.05
C SER C 112 8.11 8.27 -7.66
N PRO C 113 7.01 8.92 -7.27
CA PRO C 113 6.49 8.68 -5.90
C PRO C 113 5.87 7.29 -5.78
N GLY C 114 5.26 6.84 -6.88
CA GLY C 114 4.65 5.52 -6.95
C GLY C 114 5.18 4.78 -8.16
N PHE C 115 4.59 3.64 -8.42
CA PHE C 115 5.08 2.76 -9.49
C PHE C 115 4.08 2.72 -10.63
N ASN C 116 4.51 3.22 -11.80
CA ASN C 116 3.67 3.16 -12.99
C ASN C 116 4.47 2.47 -14.07
N PRO C 117 4.08 1.25 -14.46
CA PRO C 117 4.81 0.53 -15.50
C PRO C 117 4.96 1.31 -16.80
N ASN C 118 4.03 2.21 -17.12
CA ASN C 118 4.15 3.01 -18.34
C ASN C 118 5.30 4.01 -18.21
N THR C 119 5.48 4.54 -17.01
CA THR C 119 6.66 5.41 -16.79
C THR C 119 7.96 4.62 -16.87
N VAL C 120 7.98 3.44 -16.25
CA VAL C 120 9.17 2.59 -16.30
C VAL C 120 9.53 2.19 -17.74
N ARG C 121 8.55 1.74 -18.52
CA ARG C 121 8.86 1.37 -19.92
C ARG C 121 9.42 2.55 -20.69
N ALA C 122 8.90 3.74 -20.43
CA ALA C 122 9.36 4.94 -21.11
C ALA C 122 10.83 5.18 -20.77
N CYS C 123 11.17 5.11 -19.48
CA CYS C 123 12.55 5.30 -19.06
C CYS C 123 13.49 4.22 -19.62
N GLN C 124 13.00 2.98 -19.75
CA GLN C 124 13.84 1.91 -20.26
C GLN C 124 14.14 2.15 -21.72
N GLU C 125 13.21 2.80 -22.41
CA GLU C 125 13.37 3.08 -23.82
C GLU C 125 14.27 4.29 -24.05
N ILE C 126 14.11 5.33 -23.24
CA ILE C 126 14.90 6.55 -23.52
C ILE C 126 16.27 6.48 -22.88
N GLY C 127 16.48 5.46 -22.03
CA GLY C 127 17.80 5.20 -21.45
C GLY C 127 18.13 6.12 -20.30
N ILE C 128 17.20 6.23 -19.35
CA ILE C 128 17.50 6.90 -18.08
C ILE C 128 17.03 5.97 -16.96
N ASP C 129 17.92 5.71 -16.00
CA ASP C 129 17.58 4.87 -14.85
C ASP C 129 16.38 5.48 -14.12
N ILE C 130 15.47 4.61 -13.69
CA ILE C 130 14.37 5.05 -12.82
C ILE C 130 14.43 4.23 -11.55
N VAL C 131 14.24 4.92 -10.43
CA VAL C 131 14.12 4.32 -9.13
C VAL C 131 12.69 4.66 -8.68
N PRO C 132 11.73 3.74 -8.92
CA PRO C 132 10.33 4.10 -8.67
C PRO C 132 9.89 3.82 -7.25
N GLY C 133 8.91 4.58 -6.79
CA GLY C 133 8.40 4.43 -5.42
C GLY C 133 7.46 3.26 -5.28
N VAL C 134 7.65 2.51 -4.20
CA VAL C 134 6.78 1.40 -3.80
C VAL C 134 6.52 1.50 -2.31
N ASN C 135 5.47 0.82 -1.84
CA ASN C 135 5.29 0.72 -0.38
C ASN C 135 4.62 -0.55 0.10
N ASN C 136 4.49 -1.55 -0.77
CA ASN C 136 3.87 -2.83 -0.34
C ASN C 136 4.36 -3.99 -1.22
N PRO C 137 4.09 -5.25 -0.82
CA PRO C 137 4.65 -6.38 -1.53
C PRO C 137 4.19 -6.47 -2.99
N SER C 138 2.92 -6.18 -3.24
CA SER C 138 2.43 -6.33 -4.60
C SER C 138 3.14 -5.38 -5.57
N THR C 139 3.39 -4.16 -5.10
CA THR C 139 4.08 -3.19 -5.95
C THR C 139 5.52 -3.61 -6.13
N VAL C 140 6.13 -4.13 -5.09
CA VAL C 140 7.51 -4.65 -5.23
C VAL C 140 7.50 -5.75 -6.30
N GLU C 141 6.55 -6.68 -6.23
CA GLU C 141 6.51 -7.72 -7.26
C GLU C 141 6.34 -7.19 -8.67
N ALA C 142 5.52 -6.16 -8.83
CA ALA C 142 5.35 -5.54 -10.14
C ALA C 142 6.67 -4.98 -10.65
N ALA C 143 7.41 -4.36 -9.76
CA ALA C 143 8.69 -3.75 -10.16
C ALA C 143 9.74 -4.82 -10.50
N LEU C 144 9.82 -5.85 -9.66
CA LEU C 144 10.72 -6.97 -9.93
C LEU C 144 10.45 -7.60 -11.28
N GLU C 145 9.18 -7.69 -11.65
CA GLU C 145 8.84 -8.35 -12.91
C GLU C 145 9.33 -7.53 -14.10
N MET C 146 9.48 -6.22 -13.92
CA MET C 146 10.02 -5.38 -14.97
C MET C 146 11.54 -5.29 -14.95
N GLY C 147 12.16 -6.06 -14.07
CA GLY C 147 13.62 -6.12 -14.02
C GLY C 147 14.29 -5.04 -13.18
N LEU C 148 13.49 -4.38 -12.34
CA LEU C 148 14.03 -3.39 -11.42
C LEU C 148 14.31 -4.03 -10.08
N THR C 149 15.32 -3.55 -9.38
CA THR C 149 15.63 -4.07 -8.06
C THR C 149 15.88 -2.91 -7.06
N THR C 150 16.37 -1.77 -7.54
CA THR C 150 16.54 -0.61 -6.66
C THR C 150 15.26 0.24 -6.72
N LEU C 151 14.58 0.31 -5.57
CA LEU C 151 13.26 0.95 -5.52
C LEU C 151 13.27 2.01 -4.44
N LYS C 152 12.46 3.05 -4.63
CA LYS C 152 12.26 4.03 -3.59
C LYS C 152 11.18 3.51 -2.65
N PHE C 153 11.37 3.66 -1.34
CA PHE C 153 10.29 3.27 -0.41
C PHE C 153 9.64 4.53 0.10
N PHE C 154 8.38 4.76 -0.28
CA PHE C 154 7.77 6.07 -0.04
C PHE C 154 6.25 5.93 0.09
N PRO C 155 5.65 6.69 1.02
CA PRO C 155 6.29 7.53 2.04
C PRO C 155 6.78 6.64 3.18
N ALA C 156 8.03 6.79 3.57
CA ALA C 156 8.62 5.78 4.44
C ALA C 156 7.97 5.71 5.83
N GLU C 157 7.97 6.84 6.54
CA GLU C 157 7.39 6.80 7.89
C GLU C 157 5.88 6.54 7.86
N ALA C 158 5.17 7.20 6.94
CA ALA C 158 3.71 7.05 6.95
C ALA C 158 3.25 5.66 6.52
N SER C 159 4.10 4.92 5.81
CA SER C 159 3.77 3.54 5.40
C SER C 159 4.13 2.49 6.42
N GLY C 160 4.72 2.90 7.54
CA GLY C 160 5.07 1.91 8.56
C GLY C 160 6.50 1.92 9.00
N GLY C 161 7.31 2.76 8.36
CA GLY C 161 8.71 3.00 8.82
C GLY C 161 9.59 1.75 8.76
N ILE C 162 10.54 1.69 9.69
CA ILE C 162 11.51 0.60 9.67
C ILE C 162 10.84 -0.76 9.78
N SER C 163 9.76 -0.91 10.54
CA SER C 163 9.09 -2.20 10.63
CA SER C 163 9.08 -2.20 10.62
CA SER C 163 9.14 -2.22 10.60
C SER C 163 8.57 -2.63 9.26
N MET C 164 8.04 -1.65 8.50
CA MET C 164 7.61 -2.02 7.16
C MET C 164 8.79 -2.36 6.25
N VAL C 165 9.86 -1.57 6.32
CA VAL C 165 11.01 -1.89 5.51
C VAL C 165 11.48 -3.31 5.80
N LYS C 166 11.59 -3.65 7.08
CA LYS C 166 12.09 -4.97 7.46
C LYS C 166 11.17 -6.06 6.96
N SER C 167 9.86 -5.84 7.11
CA SER C 167 8.89 -6.83 6.66
C SER C 167 8.98 -6.96 5.15
N LEU C 168 9.17 -5.82 4.50
CA LEU C 168 9.14 -5.76 3.06
C LEU C 168 10.34 -6.38 2.38
N VAL C 169 11.57 -6.20 2.91
CA VAL C 169 12.77 -6.72 2.27
C VAL C 169 12.97 -8.20 2.55
N GLY C 170 12.35 -8.70 3.61
CA GLY C 170 12.53 -10.09 4.00
C GLY C 170 12.25 -11.06 2.86
N PRO C 171 11.06 -10.96 2.25
CA PRO C 171 10.75 -11.96 1.20
C PRO C 171 11.50 -11.74 -0.10
N TYR C 172 12.04 -10.54 -0.29
CA TYR C 172 12.57 -10.15 -1.59
C TYR C 172 14.07 -9.86 -1.47
N GLY C 173 14.88 -10.90 -1.49
CA GLY C 173 16.30 -10.73 -1.26
C GLY C 173 17.02 -9.85 -2.27
N ASP C 174 16.47 -9.70 -3.47
CA ASP C 174 17.15 -8.98 -4.56
C ASP C 174 16.95 -7.47 -4.45
N ILE C 175 15.94 -7.02 -3.70
CA ILE C 175 15.65 -5.57 -3.75
C ILE C 175 16.62 -4.76 -2.89
N ARG C 176 16.81 -3.50 -3.29
CA ARG C 176 17.56 -2.51 -2.51
C ARG C 176 16.65 -1.31 -2.44
N LEU C 177 16.59 -0.68 -1.28
CA LEU C 177 15.60 0.40 -1.10
C LEU C 177 16.21 1.74 -0.82
N MET C 178 15.50 2.77 -1.26
CA MET C 178 15.83 4.17 -0.91
C MET C 178 14.63 4.79 -0.19
N PRO C 179 14.56 4.65 1.14
CA PRO C 179 13.42 5.19 1.90
C PRO C 179 13.41 6.70 1.85
N THR C 180 12.24 7.27 1.59
CA THR C 180 12.08 8.72 1.57
C THR C 180 10.73 9.02 2.19
N GLY C 181 10.66 10.09 2.97
CA GLY C 181 9.38 10.52 3.56
C GLY C 181 9.52 10.41 5.06
N GLY C 182 9.67 11.57 5.71
CA GLY C 182 9.79 11.54 7.16
C GLY C 182 11.19 11.20 7.68
N ILE C 183 12.20 11.15 6.80
CA ILE C 183 13.56 10.79 7.24
C ILE C 183 14.18 12.05 7.83
N THR C 184 14.82 11.90 9.00
CA THR C 184 15.52 13.00 9.68
C THR C 184 16.85 12.47 10.25
N PRO C 185 17.70 13.37 10.77
CA PRO C 185 18.93 12.85 11.40
C PRO C 185 18.64 11.91 12.56
N SER C 186 17.46 12.01 13.13
CA SER C 186 17.10 11.14 14.27
C SER C 186 16.72 9.72 13.91
N ASN C 187 16.27 9.47 12.68
CA ASN C 187 15.94 8.12 12.30
C ASN C 187 16.74 7.55 11.11
N ILE C 188 17.54 8.38 10.45
CA ILE C 188 18.22 7.88 9.24
C ILE C 188 19.14 6.69 9.52
N ASP C 189 19.80 6.68 10.68
CA ASP C 189 20.70 5.56 10.92
C ASP C 189 19.96 4.24 11.12
N ASN C 190 18.73 4.31 11.64
CA ASN C 190 17.89 3.10 11.80
C ASN C 190 17.57 2.50 10.41
N TYR C 191 17.30 3.37 9.44
CA TYR C 191 17.08 2.87 8.10
C TYR C 191 18.37 2.30 7.47
N LEU C 192 19.47 3.05 7.59
CA LEU C 192 20.72 2.65 6.94
C LEU C 192 21.29 1.37 7.56
N ALA C 193 20.87 1.07 8.78
CA ALA C 193 21.29 -0.19 9.45
C ALA C 193 20.75 -1.43 8.76
N ILE C 194 19.69 -1.25 7.99
CA ILE C 194 19.09 -2.37 7.27
C ILE C 194 19.94 -2.66 6.04
N PRO C 195 20.44 -3.89 5.90
CA PRO C 195 21.41 -4.11 4.83
C PRO C 195 20.92 -3.78 3.43
N GLN C 196 19.63 -4.01 3.16
CA GLN C 196 19.13 -3.78 1.82
C GLN C 196 18.73 -2.32 1.58
N VAL C 197 18.91 -1.46 2.58
CA VAL C 197 18.72 0.00 2.35
C VAL C 197 20.04 0.59 1.86
N LEU C 198 20.02 1.24 0.69
CA LEU C 198 21.23 1.87 0.11
C LEU C 198 21.45 3.31 0.57
N ALA C 199 20.36 4.06 0.64
CA ALA C 199 20.44 5.48 0.87
C ALA C 199 19.03 5.95 1.22
N CYS C 200 18.92 7.09 1.89
CA CYS C 200 17.60 7.68 2.14
C CYS C 200 17.50 9.04 1.50
N GLY C 201 16.31 9.39 1.05
CA GLY C 201 16.08 10.76 0.57
C GLY C 201 15.62 11.64 1.72
N GLY C 202 16.08 12.89 1.75
CA GLY C 202 15.70 13.80 2.82
C GLY C 202 15.62 15.24 2.37
N THR C 203 14.66 15.99 2.89
CA THR C 203 14.52 17.38 2.55
C THR C 203 15.08 18.30 3.61
N TRP C 204 15.34 17.80 4.81
CA TRP C 204 15.56 18.74 5.93
C TRP C 204 16.80 19.61 5.75
N MET C 205 17.86 19.07 5.14
CA MET C 205 19.12 19.83 5.00
C MET C 205 19.06 20.86 3.88
N VAL C 206 18.04 20.77 3.02
CA VAL C 206 17.83 21.73 1.92
C VAL C 206 16.42 22.29 2.00
N ASP C 207 15.87 22.36 3.21
CA ASP C 207 14.44 22.67 3.32
C ASP C 207 14.13 24.03 2.65
N LYS C 208 13.02 24.06 1.94
CA LYS C 208 12.53 25.26 1.27
C LYS C 208 12.48 26.47 2.22
N LYS C 209 12.15 26.25 3.50
CA LYS C 209 12.12 27.34 4.48
C LYS C 209 13.47 28.03 4.65
N LEU C 210 14.55 27.26 4.53
CA LEU C 210 15.88 27.80 4.63
C LEU C 210 16.27 28.44 3.31
N VAL C 211 15.99 27.77 2.20
CA VAL C 211 16.33 28.32 0.89
C VAL C 211 15.65 29.66 0.64
N THR C 212 14.34 29.71 0.83
CA THR C 212 13.60 30.95 0.53
CA THR C 212 13.56 30.94 0.58
C THR C 212 14.02 32.11 1.44
N ASN C 213 14.54 31.80 2.62
CA ASN C 213 14.97 32.83 3.55
C ASN C 213 16.47 33.08 3.57
N GLY C 214 17.16 32.53 2.55
CA GLY C 214 18.60 32.73 2.36
C GLY C 214 19.48 32.24 3.48
N GLU C 215 19.06 31.16 4.12
CA GLU C 215 19.79 30.64 5.30
C GLU C 215 20.87 29.67 4.85
N TRP C 216 21.81 30.15 4.04
CA TRP C 216 22.83 29.29 3.44
C TRP C 216 23.77 28.68 4.48
N ASP C 217 24.07 29.44 5.54
CA ASP C 217 24.96 28.91 6.55
C ASP C 217 24.33 27.74 7.29
N GLU C 218 23.03 27.80 7.52
CA GLU C 218 22.34 26.67 8.15
C GLU C 218 22.32 25.46 7.23
N ILE C 219 22.01 25.69 5.97
CA ILE C 219 22.06 24.58 4.99
C ILE C 219 23.44 23.91 5.02
N ALA C 220 24.49 24.73 5.03
CA ALA C 220 25.85 24.22 5.10
C ALA C 220 26.08 23.38 6.35
N ARG C 221 25.64 23.89 7.48
CA ARG C 221 25.84 23.19 8.75
C ARG C 221 25.11 21.84 8.76
N LEU C 222 23.86 21.84 8.33
CA LEU C 222 23.04 20.61 8.29
C LEU C 222 23.66 19.62 7.31
N THR C 223 24.19 20.13 6.20
CA THR C 223 24.82 19.24 5.19
C THR C 223 26.08 18.62 5.77
N ARG C 224 26.94 19.43 6.39
CA ARG C 224 28.15 18.87 6.99
C ARG C 224 27.83 17.81 8.04
N GLU C 225 26.83 18.09 8.87
CA GLU C 225 26.41 17.17 9.93
C GLU C 225 25.98 15.83 9.36
N ILE C 226 25.14 15.85 8.31
CA ILE C 226 24.66 14.55 7.79
C ILE C 226 25.75 13.77 7.03
N VAL C 227 26.64 14.49 6.34
CA VAL C 227 27.73 13.86 5.60
C VAL C 227 28.62 13.09 6.58
N GLU C 228 28.93 13.74 7.70
CA GLU C 228 29.73 13.06 8.73
CA GLU C 228 29.70 13.09 8.78
C GLU C 228 28.96 11.88 9.38
N GLN C 229 27.67 12.06 9.64
CA GLN C 229 26.85 11.04 10.26
C GLN C 229 26.73 9.76 9.43
N VAL C 230 26.59 9.89 8.10
CA VAL C 230 26.33 8.69 7.29
C VAL C 230 27.60 7.96 6.85
N ASN C 231 28.71 8.70 6.81
CA ASN C 231 30.01 8.10 6.47
C ASN C 231 31.08 8.61 7.43
N PRO C 232 30.97 8.18 8.68
CA PRO C 232 31.93 8.72 9.66
C PRO C 232 33.33 8.14 9.48
CL CL D . 4.71 -15.72 1.29
CL CL E . -1.32 -1.27 -4.29
CL CL F . 4.60 -6.78 10.17
CL CL G . -16.97 2.53 -0.63
CL CL H . -9.19 3.28 9.44
CL CL I . 9.26 11.34 -6.31
CL CL J . 6.22 9.77 5.67
#